data_6HGQ
#
_entry.id   6HGQ
#
_cell.length_a   49.060
_cell.length_b   49.800
_cell.length_c   71.810
_cell.angle_alpha   90.080
_cell.angle_beta   93.220
_cell.angle_gamma   102.310
#
_symmetry.space_group_name_H-M   'P 1'
#
loop_
_entity.id
_entity.type
_entity.pdbx_description
1 polymer 'Adenine phosphoribosyltransferase'
2 non-polymer GLYCEROL
3 non-polymer 'MAGNESIUM ION'
4 non-polymer 1-O-pyrophosphono-5-O-phosphono-alpha-D-ribofuranose
5 non-polymer HYPOXANTHINE
6 water water
#
_entity_poly.entity_id   1
_entity_poly.type   'polypeptide(L)'
_entity_poly.pdbx_seq_one_letter_code
;ADSELQLVEQRIRSFPDFPTPGVVFRDISPVLKDPASFRAAIGLLARHLKATHGGRIDYIAGLDSRGFLFGPSLAQELGL
GCVLIRKRGKLPGPTLWASYSLEYGKAELEIQKDALEPGQRVVVVDDLLATGGTMNAACELLGRLQAEVLECVSLVELTS
LKGREKLAPVPFFSLLQYE
;
_entity_poly.pdbx_strand_id   A,C,D,B
#
# COMPACT_ATOMS: atom_id res chain seq x y z
N ALA A 1 25.16 -18.77 14.26
CA ALA A 1 23.94 -18.00 14.55
C ALA A 1 23.38 -18.39 15.92
N ASP A 2 22.42 -17.59 16.38
CA ASP A 2 21.62 -17.92 17.55
C ASP A 2 20.90 -19.24 17.32
N SER A 3 21.13 -20.23 18.17
CA SER A 3 20.45 -21.50 18.05
C SER A 3 18.92 -21.32 18.00
N GLU A 4 18.42 -20.31 18.70
CA GLU A 4 16.99 -20.01 18.72
C GLU A 4 16.48 -19.59 17.34
N LEU A 5 17.26 -18.77 16.64
CA LEU A 5 16.91 -18.35 15.29
CA LEU A 5 16.90 -18.35 15.28
C LEU A 5 16.92 -19.55 14.35
N GLN A 6 17.89 -20.45 14.55
CA GLN A 6 18.00 -21.66 13.73
C GLN A 6 16.77 -22.60 13.84
N LEU A 7 16.17 -22.68 15.03
CA LEU A 7 14.96 -23.48 15.21
C LEU A 7 13.79 -22.94 14.38
N VAL A 8 13.75 -21.63 14.16
CA VAL A 8 12.73 -21.01 13.31
C VAL A 8 13.05 -21.20 11.83
N GLU A 9 14.26 -20.81 11.43
CA GLU A 9 14.71 -20.90 10.04
C GLU A 9 14.54 -22.30 9.45
N GLN A 10 14.84 -23.34 10.23
CA GLN A 10 14.77 -24.70 9.70
C GLN A 10 13.35 -25.21 9.52
N ARG A 11 12.36 -24.37 9.87
CA ARG A 11 10.96 -24.77 9.78
C ARG A 11 10.16 -23.89 8.81
N ILE A 12 10.83 -23.25 7.86
CA ILE A 12 10.15 -22.51 6.81
C ILE A 12 10.28 -23.30 5.51
N ARG A 13 9.16 -23.52 4.81
CA ARG A 13 9.20 -24.19 3.52
C ARG A 13 8.82 -23.24 2.41
N SER A 14 9.28 -23.54 1.20
CA SER A 14 8.99 -22.70 0.04
C SER A 14 8.26 -23.48 -1.04
N PHE A 15 7.30 -22.82 -1.67
CA PHE A 15 6.57 -23.39 -2.81
C PHE A 15 6.60 -22.40 -3.96
N PRO A 16 7.13 -22.83 -5.12
CA PRO A 16 7.14 -21.96 -6.28
C PRO A 16 5.75 -21.74 -6.88
N ASP A 17 5.50 -20.51 -7.34
CA ASP A 17 4.33 -20.21 -8.14
C ASP A 17 3.01 -20.47 -7.42
N PHE A 18 2.99 -20.24 -6.12
CA PHE A 18 1.73 -20.21 -5.38
C PHE A 18 1.61 -18.85 -4.69
N PRO A 19 0.46 -18.18 -4.79
CA PRO A 19 -0.75 -18.69 -5.44
C PRO A 19 -0.88 -18.28 -6.92
N THR A 20 0.13 -17.60 -7.44
CA THR A 20 0.18 -17.24 -8.85
C THR A 20 1.61 -17.37 -9.33
N PRO A 21 1.80 -17.62 -10.64
CA PRO A 21 3.17 -17.74 -11.14
C PRO A 21 4.04 -16.55 -10.74
N GLY A 22 5.28 -16.83 -10.34
CA GLY A 22 6.23 -15.77 -10.02
C GLY A 22 6.44 -15.57 -8.54
N VAL A 23 5.42 -15.90 -7.75
CA VAL A 23 5.54 -15.83 -6.30
C VAL A 23 6.25 -17.08 -5.75
N VAL A 24 7.20 -16.87 -4.86
CA VAL A 24 7.78 -17.97 -4.10
C VAL A 24 7.21 -17.92 -2.69
N PHE A 25 6.27 -18.83 -2.40
CA PHE A 25 5.49 -18.77 -1.17
C PHE A 25 6.27 -19.33 0.02
N ARG A 26 6.43 -18.52 1.06
CA ARG A 26 7.05 -18.99 2.30
C ARG A 26 5.99 -19.55 3.24
N ASP A 27 6.04 -20.85 3.47
CA ASP A 27 5.06 -21.54 4.31
C ASP A 27 5.56 -21.60 5.73
N ILE A 28 4.84 -20.95 6.64
CA ILE A 28 5.19 -20.94 8.05
C ILE A 28 4.60 -22.13 8.80
N SER A 29 3.88 -23.00 8.09
CA SER A 29 3.12 -24.05 8.78
C SER A 29 4.01 -24.91 9.68
N PRO A 30 5.21 -25.26 9.22
CA PRO A 30 6.07 -26.11 10.05
C PRO A 30 6.49 -25.44 11.36
N VAL A 31 6.61 -24.12 11.37
CA VAL A 31 6.98 -23.40 12.60
C VAL A 31 5.91 -23.63 13.67
N LEU A 32 4.65 -23.60 13.25
CA LEU A 32 3.51 -23.77 14.16
C LEU A 32 3.40 -25.23 14.63
N LYS A 33 3.75 -26.14 13.74
CA LYS A 33 3.62 -27.57 14.01
C LYS A 33 4.74 -28.09 14.92
N ASP A 34 5.89 -27.42 14.90
CA ASP A 34 6.98 -27.72 15.81
C ASP A 34 6.95 -26.79 17.03
N PRO A 35 6.51 -27.30 18.18
CA PRO A 35 6.33 -26.42 19.34
C PRO A 35 7.63 -25.72 19.77
N ALA A 36 8.77 -26.34 19.53
CA ALA A 36 10.04 -25.72 19.88
C ALA A 36 10.33 -24.51 18.99
N SER A 37 9.96 -24.63 17.72
CA SER A 37 10.18 -23.59 16.73
C SER A 37 9.26 -22.40 17.04
N PHE A 38 7.99 -22.70 17.28
CA PHE A 38 7.02 -21.66 17.59
C PHE A 38 7.44 -20.91 18.85
N ARG A 39 7.90 -21.67 19.84
CA ARG A 39 8.31 -21.13 21.12
C ARG A 39 9.50 -20.19 20.97
N ALA A 40 10.45 -20.61 20.15
CA ALA A 40 11.63 -19.80 19.87
C ALA A 40 11.24 -18.49 19.17
N ALA A 41 10.32 -18.57 18.21
CA ALA A 41 9.89 -17.40 17.45
C ALA A 41 9.30 -16.33 18.36
N ILE A 42 8.39 -16.76 19.24
CA ILE A 42 7.71 -15.85 20.15
C ILE A 42 8.73 -15.24 21.13
N GLY A 43 9.61 -16.07 21.65
CA GLY A 43 10.65 -15.61 22.58
C GLY A 43 11.61 -14.63 21.96
N LEU A 44 11.99 -14.86 20.71
CA LEU A 44 12.88 -13.96 19.99
C LEU A 44 12.22 -12.61 19.76
N LEU A 45 10.95 -12.63 19.39
CA LEU A 45 10.24 -11.38 19.14
C LEU A 45 9.99 -10.63 20.44
N ALA A 46 9.67 -11.35 21.50
CA ALA A 46 9.41 -10.75 22.80
C ALA A 46 10.68 -10.08 23.35
N ARG A 47 11.79 -10.79 23.23
CA ARG A 47 13.07 -10.29 23.69
C ARG A 47 13.45 -9.02 22.95
N HIS A 48 13.23 -9.00 21.64
CA HIS A 48 13.53 -7.80 20.85
C HIS A 48 12.66 -6.62 21.32
N LEU A 49 11.37 -6.87 21.51
CA LEU A 49 10.46 -5.80 21.89
C LEU A 49 10.73 -5.28 23.32
N LYS A 50 11.11 -6.17 24.24
CA LYS A 50 11.45 -5.74 25.60
C LYS A 50 12.71 -4.88 25.59
N ALA A 51 13.69 -5.28 24.80
CA ALA A 51 14.94 -4.54 24.70
C ALA A 51 14.75 -3.19 24.03
N THR A 52 13.84 -3.13 23.06
CA THR A 52 13.63 -1.92 22.26
C THR A 52 12.66 -0.93 22.88
N HIS A 53 11.71 -1.40 23.69
CA HIS A 53 10.68 -0.51 24.22
C HIS A 53 10.53 -0.51 25.74
N GLY A 54 11.34 -1.31 26.43
CA GLY A 54 11.38 -1.27 27.90
C GLY A 54 10.02 -1.46 28.57
N GLY A 55 9.12 -2.17 27.90
CA GLY A 55 7.80 -2.44 28.45
C GLY A 55 6.76 -1.39 28.13
N ARG A 56 7.17 -0.30 27.46
CA ARG A 56 6.26 0.80 27.20
C ARG A 56 5.40 0.50 25.97
N ILE A 57 4.72 -0.64 26.02
CA ILE A 57 3.76 -1.01 25.00
C ILE A 57 2.45 -1.31 25.68
N ASP A 58 1.37 -0.82 25.11
CA ASP A 58 0.03 -1.01 25.65
C ASP A 58 -0.63 -2.23 25.02
N TYR A 59 -0.55 -2.33 23.69
CA TYR A 59 -1.18 -3.44 22.98
C TYR A 59 -0.35 -3.95 21.82
N ILE A 60 -0.48 -5.24 21.54
CA ILE A 60 -0.01 -5.83 20.29
C ILE A 60 -1.21 -5.84 19.35
N ALA A 61 -0.99 -5.52 18.08
CA ALA A 61 -2.03 -5.64 17.08
C ALA A 61 -1.67 -6.78 16.13
N GLY A 62 -2.55 -7.78 16.03
CA GLY A 62 -2.33 -8.90 15.13
C GLY A 62 -3.10 -8.73 13.84
N LEU A 63 -2.47 -9.05 12.72
CA LEU A 63 -3.13 -8.88 11.40
C LEU A 63 -3.71 -10.17 10.84
N ASP A 64 -5.02 -10.15 10.65
CA ASP A 64 -5.81 -11.21 10.01
C ASP A 64 -5.14 -11.61 8.70
N SER A 65 -4.85 -12.90 8.45
CA SER A 65 -5.18 -14.00 9.36
CA SER A 65 -5.18 -14.00 9.36
C SER A 65 -3.95 -14.67 9.96
N ARG A 66 -2.88 -14.76 9.18
CA ARG A 66 -1.68 -15.44 9.66
C ARG A 66 -0.99 -14.66 10.78
N GLY A 67 -1.30 -13.38 10.91
CA GLY A 67 -0.82 -12.58 12.04
C GLY A 67 -1.47 -12.99 13.36
N PHE A 68 -2.70 -13.50 13.28
CA PHE A 68 -3.42 -14.04 14.44
C PHE A 68 -2.69 -15.22 15.09
N LEU A 69 -1.88 -15.92 14.30
CA LEU A 69 -1.14 -17.07 14.79
C LEU A 69 -0.03 -16.67 15.77
N PHE A 70 0.47 -15.44 15.68
CA PHE A 70 1.56 -14.98 16.53
C PHE A 70 1.17 -13.88 17.51
N GLY A 71 0.21 -13.04 17.13
CA GLY A 71 -0.17 -11.87 17.92
C GLY A 71 -0.51 -12.14 19.37
N PRO A 72 -1.50 -13.02 19.62
CA PRO A 72 -1.90 -13.31 20.99
C PRO A 72 -0.79 -13.93 21.84
N SER A 73 -0.06 -14.86 21.26
CA SER A 73 1.04 -15.50 21.98
C SER A 73 2.11 -14.50 22.36
N LEU A 74 2.45 -13.62 21.42
CA LEU A 74 3.43 -12.58 21.68
C LEU A 74 2.91 -11.61 22.75
N ALA A 75 1.65 -11.23 22.63
CA ALA A 75 1.05 -10.34 23.61
C ALA A 75 1.12 -10.98 24.99
N GLN A 76 0.69 -12.23 25.08
CA GLN A 76 0.69 -12.95 26.36
C GLN A 76 2.08 -12.99 26.96
N GLU A 77 3.06 -13.29 26.12
CA GLU A 77 4.44 -13.38 26.55
C GLU A 77 4.92 -12.07 27.17
N LEU A 78 4.33 -10.96 26.71
CA LEU A 78 4.72 -9.64 27.16
C LEU A 78 3.80 -9.08 28.24
N GLY A 79 2.77 -9.83 28.61
CA GLY A 79 1.79 -9.37 29.60
C GLY A 79 0.82 -8.34 29.05
N LEU A 80 0.59 -8.42 27.74
CA LEU A 80 -0.17 -7.39 27.04
C LEU A 80 -1.42 -7.97 26.42
N GLY A 81 -2.40 -7.10 26.19
CA GLY A 81 -3.55 -7.41 25.37
C GLY A 81 -3.22 -7.36 23.89
N CYS A 82 -4.07 -8.03 23.10
CA CYS A 82 -3.93 -8.08 21.65
C CYS A 82 -5.19 -7.54 21.01
N VAL A 83 -5.04 -6.59 20.09
CA VAL A 83 -6.16 -6.04 19.36
C VAL A 83 -6.14 -6.62 17.95
N LEU A 84 -7.32 -6.69 17.34
CA LEU A 84 -7.46 -7.30 16.04
C LEU A 84 -7.66 -6.29 14.93
N ILE A 85 -6.94 -6.48 13.84
CA ILE A 85 -7.17 -5.75 12.61
C ILE A 85 -7.53 -6.81 11.59
N ARG A 86 -8.72 -6.70 11.01
CA ARG A 86 -9.28 -7.80 10.23
C ARG A 86 -9.56 -7.45 8.79
N LYS A 87 -9.77 -8.48 7.97
CA LYS A 87 -10.31 -8.25 6.64
C LYS A 87 -11.67 -7.57 6.76
N ARG A 88 -11.92 -6.60 5.88
CA ARG A 88 -13.16 -5.85 5.95
C ARG A 88 -14.39 -6.78 5.95
N GLY A 89 -15.34 -6.43 6.80
CA GLY A 89 -16.65 -7.11 6.84
C GLY A 89 -16.76 -8.14 7.96
N LYS A 90 -15.68 -8.32 8.71
CA LYS A 90 -15.62 -9.39 9.69
CA LYS A 90 -15.61 -9.38 9.70
C LYS A 90 -15.86 -8.90 11.12
N LEU A 91 -15.59 -7.62 11.37
CA LEU A 91 -15.73 -7.06 12.72
C LEU A 91 -17.06 -6.36 12.95
N PRO A 92 -17.69 -6.62 14.12
CA PRO A 92 -18.96 -5.99 14.43
C PRO A 92 -18.78 -4.58 14.96
N GLY A 93 -19.83 -3.77 14.85
CA GLY A 93 -19.83 -2.42 15.42
C GLY A 93 -19.16 -1.42 14.50
N PRO A 94 -18.99 -0.18 14.99
CA PRO A 94 -18.40 0.92 14.21
C PRO A 94 -16.93 0.66 13.87
N THR A 95 -16.60 0.81 12.59
CA THR A 95 -15.27 0.48 12.10
C THR A 95 -14.69 1.56 11.20
N LEU A 96 -13.38 1.47 10.98
CA LEU A 96 -12.67 2.24 9.97
C LEU A 96 -11.98 1.24 9.06
N TRP A 97 -11.87 1.56 7.78
CA TRP A 97 -11.21 0.64 6.87
C TRP A 97 -10.35 1.34 5.83
N ALA A 98 -9.49 0.55 5.18
CA ALA A 98 -8.55 1.05 4.19
C ALA A 98 -8.28 -0.02 3.15
N SER A 99 -8.20 0.39 1.89
CA SER A 99 -7.82 -0.51 0.82
C SER A 99 -6.30 -0.54 0.68
N TYR A 100 -5.79 -1.65 0.16
CA TYR A 100 -4.35 -1.81 -0.03
C TYR A 100 -4.03 -2.90 -1.03
N SER A 101 -2.75 -2.93 -1.43
CA SER A 101 -2.21 -3.98 -2.26
C SER A 101 -1.22 -4.81 -1.46
N LEU A 102 -1.23 -6.12 -1.68
CA LEU A 102 -0.21 -7.01 -1.14
C LEU A 102 0.52 -7.63 -2.34
N GLU A 103 1.48 -8.51 -2.08
CA GLU A 103 2.31 -9.05 -3.15
C GLU A 103 1.50 -9.68 -4.29
N TYR A 104 0.45 -10.42 -3.96
CA TYR A 104 -0.28 -11.18 -4.99
C TYR A 104 -1.76 -10.87 -5.03
N GLY A 105 -2.15 -9.68 -4.62
CA GLY A 105 -3.56 -9.29 -4.70
C GLY A 105 -3.84 -7.94 -4.07
N LYS A 106 -5.12 -7.68 -3.85
CA LYS A 106 -5.56 -6.48 -3.16
C LYS A 106 -6.68 -6.83 -2.21
N ALA A 107 -6.87 -6.00 -1.20
CA ALA A 107 -7.90 -6.26 -0.21
C ALA A 107 -8.18 -5.03 0.61
N GLU A 108 -8.96 -5.21 1.67
CA GLU A 108 -9.31 -4.11 2.55
C GLU A 108 -9.19 -4.57 3.99
N LEU A 109 -8.54 -3.75 4.83
CA LEU A 109 -8.39 -4.06 6.25
C LEU A 109 -9.30 -3.15 7.06
N GLU A 110 -9.65 -3.57 8.26
CA GLU A 110 -10.60 -2.82 9.05
C GLU A 110 -10.24 -2.93 10.53
N ILE A 111 -10.59 -1.93 11.29
CA ILE A 111 -10.40 -1.94 12.73
C ILE A 111 -11.64 -1.35 13.39
N GLN A 112 -11.97 -1.84 14.59
CA GLN A 112 -13.09 -1.27 15.35
C GLN A 112 -12.70 0.10 15.91
N LYS A 113 -13.64 1.04 15.86
CA LYS A 113 -13.36 2.41 16.29
C LYS A 113 -12.98 2.52 17.75
N ASP A 114 -13.35 1.53 18.57
CA ASP A 114 -12.99 1.57 20.00
C ASP A 114 -11.88 0.58 20.34
N ALA A 115 -11.17 0.11 19.34
CA ALA A 115 -10.05 -0.81 19.57
C ALA A 115 -8.99 -0.16 20.45
N LEU A 116 -8.77 1.14 20.26
CA LEU A 116 -7.70 1.84 20.95
C LEU A 116 -8.09 3.29 21.23
N GLU A 117 -7.61 3.81 22.36
CA GLU A 117 -7.80 5.21 22.69
C GLU A 117 -6.63 6.03 22.17
N PRO A 118 -6.85 7.32 21.94
CA PRO A 118 -5.79 8.21 21.50
C PRO A 118 -4.56 8.13 22.40
N GLY A 119 -3.39 7.97 21.78
CA GLY A 119 -2.14 8.00 22.51
C GLY A 119 -1.64 6.64 22.97
N GLN A 120 -2.49 5.62 22.83
CA GLN A 120 -2.09 4.29 23.26
C GLN A 120 -1.04 3.72 22.32
N ARG A 121 -0.09 3.02 22.92
CA ARG A 121 1.16 2.62 22.26
C ARG A 121 1.02 1.20 21.74
N VAL A 122 1.28 1.02 20.45
CA VAL A 122 1.01 -0.28 19.81
C VAL A 122 2.19 -0.80 19.00
N VAL A 123 2.34 -2.12 19.02
CA VAL A 123 3.26 -2.82 18.12
C VAL A 123 2.45 -3.73 17.22
N VAL A 124 2.73 -3.67 15.93
CA VAL A 124 1.99 -4.48 14.95
C VAL A 124 2.79 -5.72 14.62
N VAL A 125 2.10 -6.87 14.57
CA VAL A 125 2.76 -8.12 14.23
CA VAL A 125 2.70 -8.16 14.30
C VAL A 125 2.03 -8.86 13.12
N ASP A 126 2.82 -9.35 12.18
CA ASP A 126 2.30 -10.18 11.10
C ASP A 126 3.31 -11.32 10.86
N ASP A 127 2.86 -12.35 10.15
CA ASP A 127 3.74 -13.49 9.88
C ASP A 127 4.85 -13.12 8.90
N LEU A 128 4.52 -12.36 7.87
CA LEU A 128 5.46 -12.11 6.79
C LEU A 128 5.30 -10.69 6.21
N LEU A 129 6.44 -10.02 5.99
CA LEU A 129 6.45 -8.74 5.29
C LEU A 129 6.96 -8.94 3.86
N ALA A 130 6.15 -8.58 2.87
CA ALA A 130 6.58 -8.65 1.49
C ALA A 130 6.63 -7.23 0.90
N THR A 131 5.56 -6.80 0.21
CA THR A 131 5.52 -5.45 -0.34
C THR A 131 5.35 -4.40 0.75
N GLY A 132 4.83 -4.82 1.90
CA GLY A 132 4.59 -3.92 3.03
C GLY A 132 3.20 -3.29 3.01
N GLY A 133 2.43 -3.62 1.98
CA GLY A 133 1.09 -3.03 1.81
C GLY A 133 0.15 -3.33 2.96
N THR A 134 0.15 -4.57 3.43
CA THR A 134 -0.72 -4.98 4.52
C THR A 134 -0.40 -4.24 5.82
N MET A 135 0.88 -4.20 6.16
CA MET A 135 1.33 -3.57 7.39
C MET A 135 1.13 -2.07 7.32
N ASN A 136 1.34 -1.52 6.13
CA ASN A 136 1.15 -0.10 5.93
C ASN A 136 -0.30 0.30 6.20
N ALA A 137 -1.23 -0.52 5.72
CA ALA A 137 -2.66 -0.29 5.90
C ALA A 137 -3.03 -0.35 7.38
N ALA A 138 -2.48 -1.33 8.10
CA ALA A 138 -2.67 -1.44 9.53
C ALA A 138 -2.19 -0.19 10.24
N CYS A 139 -1.01 0.31 9.86
CA CYS A 139 -0.46 1.51 10.46
C CYS A 139 -1.35 2.72 10.18
N GLU A 140 -1.89 2.77 8.97
CA GLU A 140 -2.76 3.87 8.58
C GLU A 140 -4.03 3.89 9.44
N LEU A 141 -4.63 2.72 9.67
CA LEU A 141 -5.82 2.62 10.51
C LEU A 141 -5.51 2.95 11.97
N LEU A 142 -4.39 2.45 12.47
CA LEU A 142 -3.97 2.74 13.84
C LEU A 142 -3.77 4.25 14.03
N GLY A 143 -3.22 4.90 13.01
CA GLY A 143 -3.06 6.36 13.01
C GLY A 143 -4.38 7.11 13.03
N ARG A 144 -5.40 6.55 12.39
CA ARG A 144 -6.73 7.16 12.42
C ARG A 144 -7.28 7.19 13.84
N LEU A 145 -6.95 6.17 14.63
CA LEU A 145 -7.39 6.10 16.03
C LEU A 145 -6.48 6.92 16.94
N GLN A 146 -5.47 7.55 16.35
CA GLN A 146 -4.47 8.33 17.09
C GLN A 146 -3.61 7.48 18.01
N ALA A 147 -3.35 6.26 17.57
CA ALA A 147 -2.49 5.35 18.30
C ALA A 147 -1.05 5.64 17.88
N GLU A 148 -0.13 5.53 18.82
CA GLU A 148 1.29 5.61 18.49
C GLU A 148 1.80 4.21 18.12
N VAL A 149 2.12 4.03 16.85
CA VAL A 149 2.72 2.79 16.38
C VAL A 149 4.22 2.85 16.60
N LEU A 150 4.72 2.03 17.51
CA LEU A 150 6.12 2.07 17.90
C LEU A 150 7.00 1.27 16.95
N GLU A 151 6.45 0.18 16.44
CA GLU A 151 7.25 -0.77 15.64
C GLU A 151 6.31 -1.79 14.99
N CYS A 152 6.76 -2.34 13.88
CA CYS A 152 6.11 -3.47 13.23
C CYS A 152 7.09 -4.63 13.21
N VAL A 153 6.60 -5.83 13.45
CA VAL A 153 7.45 -7.02 13.41
C VAL A 153 6.83 -8.15 12.61
N SER A 154 7.67 -8.99 12.03
CA SER A 154 7.22 -10.20 11.39
C SER A 154 8.24 -11.32 11.61
N LEU A 155 7.83 -12.54 11.29
CA LEU A 155 8.75 -13.66 11.33
C LEU A 155 9.69 -13.62 10.12
N VAL A 156 9.11 -13.33 8.97
CA VAL A 156 9.83 -13.38 7.71
C VAL A 156 9.76 -12.05 6.97
N GLU A 157 10.87 -11.70 6.33
CA GLU A 157 10.95 -10.49 5.50
C GLU A 157 11.53 -10.85 4.14
N LEU A 158 10.83 -10.45 3.08
CA LEU A 158 11.31 -10.69 1.71
C LEU A 158 11.96 -9.42 1.18
N THR A 159 13.28 -9.35 1.29
CA THR A 159 13.99 -8.07 1.16
C THR A 159 13.90 -7.41 -0.22
N SER A 160 13.82 -8.22 -1.28
CA SER A 160 13.77 -7.68 -2.64
C SER A 160 12.51 -6.85 -2.90
N LEU A 161 11.48 -7.05 -2.09
CA LEU A 161 10.21 -6.36 -2.29
C LEU A 161 10.16 -5.03 -1.53
N LYS A 162 11.23 -4.74 -0.80
CA LYS A 162 11.43 -3.44 -0.14
C LYS A 162 10.27 -2.95 0.73
N GLY A 163 9.59 -3.89 1.38
CA GLY A 163 8.49 -3.57 2.29
C GLY A 163 8.88 -2.63 3.43
N ARG A 164 10.07 -2.86 3.98
CA ARG A 164 10.60 -2.03 5.05
C ARG A 164 10.65 -0.55 4.65
N GLU A 165 11.02 -0.28 3.40
CA GLU A 165 11.10 1.08 2.90
C GLU A 165 9.72 1.73 2.84
N LYS A 166 8.69 0.93 2.53
CA LYS A 166 7.31 1.43 2.49
C LYS A 166 6.81 1.82 3.89
N LEU A 167 7.30 1.13 4.91
CA LEU A 167 6.89 1.39 6.29
C LEU A 167 7.57 2.59 6.93
N ALA A 168 8.78 2.90 6.46
CA ALA A 168 9.54 4.04 7.00
C ALA A 168 8.59 5.23 7.07
N PRO A 169 8.68 6.02 8.14
CA PRO A 169 9.71 5.91 9.18
C PRO A 169 9.33 5.03 10.38
N VAL A 170 8.22 4.30 10.28
CA VAL A 170 7.89 3.34 11.33
C VAL A 170 8.99 2.28 11.35
N PRO A 171 9.64 2.08 12.50
CA PRO A 171 10.66 1.05 12.60
C PRO A 171 10.10 -0.34 12.30
N PHE A 172 10.94 -1.22 11.77
CA PHE A 172 10.56 -2.58 11.45
C PHE A 172 11.63 -3.60 11.87
N PHE A 173 11.19 -4.79 12.29
CA PHE A 173 12.11 -5.86 12.66
C PHE A 173 11.56 -7.21 12.20
N SER A 174 12.44 -8.02 11.63
CA SER A 174 12.09 -9.39 11.24
C SER A 174 13.10 -10.38 11.79
N LEU A 175 12.64 -11.59 12.05
CA LEU A 175 13.53 -12.65 12.49
C LEU A 175 14.38 -13.18 11.34
N LEU A 176 13.74 -13.41 10.20
CA LEU A 176 14.40 -14.01 9.04
C LEU A 176 14.22 -13.15 7.80
N GLN A 177 15.28 -13.07 6.99
CA GLN A 177 15.22 -12.36 5.72
C GLN A 177 15.60 -13.29 4.55
N TYR A 178 14.83 -13.18 3.47
CA TYR A 178 15.13 -13.84 2.19
C TYR A 178 15.03 -12.81 1.07
N GLU A 179 15.75 -13.01 -0.02
CA GLU A 179 15.58 -12.14 -1.18
C GLU A 179 14.09 -12.11 -1.57
N ALA B 1 -15.59 6.41 2.84
CA ALA B 1 -15.33 5.44 3.95
C ALA B 1 -13.90 4.89 3.90
N ASP B 2 -13.41 4.56 2.70
CA ASP B 2 -12.02 4.14 2.53
C ASP B 2 -11.10 5.23 3.09
N SER B 3 -10.31 4.87 4.09
CA SER B 3 -9.35 5.80 4.69
C SER B 3 -8.35 6.35 3.67
N GLU B 4 -8.01 5.54 2.68
CA GLU B 4 -7.10 5.97 1.61
C GLU B 4 -7.70 7.13 0.80
N LEU B 5 -8.99 7.03 0.50
CA LEU B 5 -9.71 8.07 -0.23
CA LEU B 5 -9.66 8.08 -0.24
C LEU B 5 -9.72 9.37 0.58
N GLN B 6 -9.93 9.23 1.88
CA GLN B 6 -9.98 10.38 2.79
C GLN B 6 -8.66 11.14 2.84
N LEU B 7 -7.54 10.41 2.75
CA LEU B 7 -6.21 11.01 2.71
C LEU B 7 -6.07 11.94 1.50
N VAL B 8 -6.68 11.56 0.39
CA VAL B 8 -6.66 12.36 -0.82
C VAL B 8 -7.64 13.53 -0.70
N GLU B 9 -8.87 13.21 -0.32
CA GLU B 9 -9.94 14.19 -0.24
C GLU B 9 -9.61 15.37 0.67
N GLN B 10 -8.95 15.07 1.79
CA GLN B 10 -8.64 16.09 2.80
C GLN B 10 -7.56 17.07 2.32
N ARG B 11 -6.98 16.81 1.16
CA ARG B 11 -5.89 17.67 0.65
C ARG B 11 -6.29 18.44 -0.61
N ILE B 12 -7.57 18.41 -0.95
CA ILE B 12 -8.06 19.23 -2.06
C ILE B 12 -8.53 20.57 -1.50
N ARG B 13 -8.03 21.66 -2.07
CA ARG B 13 -8.43 23.00 -1.67
C ARG B 13 -9.23 23.61 -2.79
N SER B 14 -10.25 24.40 -2.43
CA SER B 14 -11.08 25.06 -3.41
C SER B 14 -10.88 26.56 -3.40
N PHE B 15 -10.84 27.14 -4.60
CA PHE B 15 -10.75 28.59 -4.77
C PHE B 15 -11.83 29.07 -5.74
N PRO B 16 -12.78 29.87 -5.24
CA PRO B 16 -13.83 30.40 -6.10
C PRO B 16 -13.34 31.42 -7.12
N ASP B 17 -13.90 31.34 -8.33
CA ASP B 17 -13.68 32.35 -9.37
C ASP B 17 -12.23 32.44 -9.83
N PHE B 18 -11.53 31.32 -9.82
CA PHE B 18 -10.22 31.23 -10.44
C PHE B 18 -10.28 30.17 -11.53
N PRO B 19 -9.73 30.43 -12.72
CA PRO B 19 -9.00 31.65 -13.08
C PRO B 19 -9.89 32.71 -13.73
N THR B 20 -11.16 32.38 -13.89
CA THR B 20 -12.15 33.31 -14.41
C THR B 20 -13.41 33.16 -13.57
N PRO B 21 -14.30 34.15 -13.64
CA PRO B 21 -15.51 34.12 -12.81
C PRO B 21 -16.35 32.88 -13.07
N GLY B 22 -16.95 32.34 -12.01
CA GLY B 22 -17.86 31.21 -12.13
C GLY B 22 -17.18 29.85 -12.02
N VAL B 23 -15.85 29.86 -12.07
CA VAL B 23 -15.08 28.62 -11.92
C VAL B 23 -14.75 28.42 -10.43
N VAL B 24 -15.00 27.22 -9.94
CA VAL B 24 -14.57 26.82 -8.60
C VAL B 24 -13.36 25.91 -8.77
N PHE B 25 -12.18 26.45 -8.50
CA PHE B 25 -10.93 25.77 -8.83
C PHE B 25 -10.53 24.76 -7.76
N ARG B 26 -10.39 23.50 -8.16
CA ARG B 26 -9.93 22.46 -7.24
C ARG B 26 -8.41 22.40 -7.29
N ASP B 27 -7.76 22.75 -6.19
CA ASP B 27 -6.31 22.80 -6.11
C ASP B 27 -5.74 21.49 -5.58
N ILE B 28 -4.97 20.79 -6.42
CA ILE B 28 -4.38 19.51 -6.06
C ILE B 28 -3.04 19.66 -5.34
N SER B 29 -2.53 20.89 -5.26
CA SER B 29 -1.19 21.11 -4.71
C SER B 29 -0.95 20.42 -3.37
N PRO B 30 -1.91 20.51 -2.44
CA PRO B 30 -1.65 19.88 -1.15
C PRO B 30 -1.52 18.36 -1.19
N VAL B 31 -2.12 17.70 -2.19
CA VAL B 31 -1.96 16.25 -2.36
C VAL B 31 -0.50 15.92 -2.67
N LEU B 32 0.12 16.79 -3.47
CA LEU B 32 1.52 16.63 -3.83
C LEU B 32 2.45 16.89 -2.64
N LYS B 33 2.09 17.87 -1.83
CA LYS B 33 2.93 18.33 -0.73
C LYS B 33 2.88 17.41 0.50
N ASP B 34 1.83 16.59 0.58
CA ASP B 34 1.68 15.59 1.64
C ASP B 34 1.99 14.20 1.07
N PRO B 35 3.18 13.66 1.38
CA PRO B 35 3.60 12.40 0.75
C PRO B 35 2.62 11.25 0.98
N ALA B 36 1.95 11.25 2.12
CA ALA B 36 0.98 10.19 2.43
C ALA B 36 -0.23 10.30 1.49
N SER B 37 -0.60 11.52 1.14
CA SER B 37 -1.75 11.77 0.29
C SER B 37 -1.44 11.37 -1.16
N PHE B 38 -0.26 11.76 -1.64
CA PHE B 38 0.15 11.43 -2.99
C PHE B 38 0.23 9.93 -3.17
N ARG B 39 0.83 9.27 -2.18
CA ARG B 39 1.00 7.82 -2.23
C ARG B 39 -0.35 7.11 -2.29
N ALA B 40 -1.30 7.58 -1.49
CA ALA B 40 -2.66 7.02 -1.50
C ALA B 40 -3.32 7.18 -2.88
N ALA B 41 -3.20 8.38 -3.45
CA ALA B 41 -3.80 8.66 -4.76
C ALA B 41 -3.28 7.71 -5.83
N ILE B 42 -1.95 7.53 -5.87
CA ILE B 42 -1.32 6.65 -6.85
C ILE B 42 -1.70 5.19 -6.59
N GLY B 43 -1.71 4.81 -5.33
CA GLY B 43 -2.08 3.45 -4.95
C GLY B 43 -3.51 3.12 -5.34
N LEU B 44 -4.41 4.08 -5.10
CA LEU B 44 -5.82 3.89 -5.45
C LEU B 44 -6.04 3.72 -6.96
N LEU B 45 -5.32 4.52 -7.74
CA LEU B 45 -5.44 4.44 -9.19
C LEU B 45 -4.85 3.15 -9.73
N ALA B 46 -3.74 2.74 -9.15
CA ALA B 46 -3.05 1.52 -9.59
C ALA B 46 -3.91 0.31 -9.29
N ARG B 47 -4.49 0.28 -8.10
CA ARG B 47 -5.37 -0.82 -7.71
C ARG B 47 -6.60 -0.91 -8.63
N HIS B 48 -7.18 0.24 -8.96
CA HIS B 48 -8.28 0.23 -9.93
C HIS B 48 -7.85 -0.34 -11.29
N LEU B 49 -6.73 0.15 -11.81
CA LEU B 49 -6.26 -0.25 -13.14
C LEU B 49 -5.80 -1.73 -13.17
N LYS B 50 -5.20 -2.21 -12.09
CA LYS B 50 -4.81 -3.62 -12.02
C LYS B 50 -6.06 -4.51 -12.00
N ALA B 51 -7.05 -4.12 -11.22
CA ALA B 51 -8.29 -4.90 -11.11
C ALA B 51 -9.07 -4.89 -12.43
N THR B 52 -9.07 -3.75 -13.11
CA THR B 52 -9.88 -3.60 -14.31
C THR B 52 -9.22 -4.12 -15.59
N HIS B 53 -7.89 -4.18 -15.62
CA HIS B 53 -7.19 -4.51 -16.87
C HIS B 53 -6.19 -5.66 -16.75
N GLY B 54 -6.03 -6.19 -15.54
CA GLY B 54 -5.22 -7.40 -15.31
C GLY B 54 -3.82 -7.34 -15.87
N GLY B 55 -3.25 -6.14 -15.93
CA GLY B 55 -1.89 -5.95 -16.44
C GLY B 55 -1.80 -5.69 -17.94
N ARG B 56 -2.94 -5.79 -18.62
CA ARG B 56 -2.97 -5.69 -20.09
C ARG B 56 -2.89 -4.25 -20.59
N ILE B 57 -1.88 -3.53 -20.12
CA ILE B 57 -1.65 -2.16 -20.53
C ILE B 57 -0.21 -2.01 -20.95
N ASP B 58 0.04 -1.31 -22.05
CA ASP B 58 1.42 -1.10 -22.51
C ASP B 58 1.99 0.22 -21.99
N TYR B 59 1.19 1.27 -22.03
CA TYR B 59 1.64 2.59 -21.58
C TYR B 59 0.57 3.39 -20.85
N ILE B 60 1.04 4.24 -19.95
CA ILE B 60 0.22 5.30 -19.38
C ILE B 60 0.50 6.55 -20.20
N ALA B 61 -0.53 7.33 -20.50
CA ALA B 61 -0.32 8.61 -21.17
C ALA B 61 -0.66 9.74 -20.21
N GLY B 62 0.32 10.59 -19.91
CA GLY B 62 0.14 11.71 -19.02
C GLY B 62 -0.15 12.99 -19.79
N LEU B 63 -1.12 13.77 -19.31
CA LEU B 63 -1.53 15.01 -19.99
C LEU B 63 -0.89 16.25 -19.38
N ASP B 64 -0.06 16.91 -20.19
CA ASP B 64 0.56 18.19 -19.88
C ASP B 64 -0.49 19.17 -19.36
N SER B 65 -0.29 19.82 -18.20
CA SER B 65 0.91 19.68 -17.39
CA SER B 65 0.90 19.67 -17.39
C SER B 65 0.63 18.95 -16.06
N ARG B 66 -0.53 19.18 -15.49
CA ARG B 66 -0.86 18.58 -14.18
C ARG B 66 -1.02 17.07 -14.23
N GLY B 67 -1.30 16.52 -15.41
CA GLY B 67 -1.25 15.07 -15.60
C GLY B 67 0.16 14.51 -15.43
N PHE B 68 1.15 15.34 -15.74
CA PHE B 68 2.56 14.97 -15.58
C PHE B 68 2.90 14.64 -14.11
N LEU B 69 2.15 15.24 -13.20
CA LEU B 69 2.37 15.04 -11.77
C LEU B 69 2.02 13.62 -11.35
N PHE B 70 1.06 13.01 -12.03
CA PHE B 70 0.59 11.66 -11.68
C PHE B 70 1.01 10.55 -12.65
N GLY B 71 1.18 10.92 -13.91
CA GLY B 71 1.51 9.97 -14.99
C GLY B 71 2.66 9.02 -14.74
N PRO B 72 3.89 9.54 -14.57
CA PRO B 72 5.08 8.71 -14.36
C PRO B 72 5.01 7.87 -13.09
N SER B 73 4.48 8.44 -12.01
CA SER B 73 4.38 7.74 -10.74
C SER B 73 3.45 6.55 -10.86
N LEU B 74 2.31 6.76 -11.53
CA LEU B 74 1.35 5.70 -11.75
C LEU B 74 1.95 4.62 -12.64
N ALA B 75 2.61 5.02 -13.72
CA ALA B 75 3.22 4.05 -14.64
C ALA B 75 4.25 3.22 -13.89
N GLN B 76 5.11 3.89 -13.14
CA GLN B 76 6.14 3.21 -12.37
C GLN B 76 5.54 2.19 -11.43
N GLU B 77 4.43 2.54 -10.78
CA GLU B 77 3.77 1.63 -9.86
C GLU B 77 3.32 0.37 -10.60
N LEU B 78 2.95 0.52 -11.86
CA LEU B 78 2.39 -0.58 -12.65
C LEU B 78 3.47 -1.27 -13.48
N GLY B 79 4.70 -0.79 -13.37
CA GLY B 79 5.81 -1.32 -14.17
C GLY B 79 5.70 -0.96 -15.65
N LEU B 80 5.18 0.23 -15.94
CA LEU B 80 4.91 0.63 -17.31
C LEU B 80 5.65 1.90 -17.66
N GLY B 81 5.83 2.11 -18.96
CA GLY B 81 6.32 3.37 -19.48
C GLY B 81 5.23 4.44 -19.47
N CYS B 82 5.66 5.67 -19.57
CA CYS B 82 4.73 6.78 -19.63
C CYS B 82 5.01 7.57 -20.91
N VAL B 83 3.98 7.79 -21.71
CA VAL B 83 4.10 8.59 -22.93
C VAL B 83 3.49 9.96 -22.67
N LEU B 84 4.01 10.95 -23.37
CA LEU B 84 3.64 12.34 -23.12
C LEU B 84 2.69 12.86 -24.19
N ILE B 85 1.63 13.50 -23.73
CA ILE B 85 0.77 14.27 -24.62
C ILE B 85 0.84 15.71 -24.13
N ARG B 86 1.28 16.61 -25.00
CA ARG B 86 1.64 17.96 -24.58
C ARG B 86 0.85 19.06 -25.28
N LYS B 87 0.86 20.25 -24.67
N LYS B 87 0.86 20.24 -24.68
CA LYS B 87 0.36 21.45 -25.32
CA LYS B 87 0.32 21.42 -25.34
C LYS B 87 1.18 21.67 -26.61
C LYS B 87 1.17 21.70 -26.59
N ARG B 88 0.50 22.13 -27.65
CA ARG B 88 1.14 22.21 -28.96
C ARG B 88 2.39 23.08 -28.95
N GLY B 89 3.42 22.61 -29.64
CA GLY B 89 4.64 23.38 -29.81
C GLY B 89 5.74 23.00 -28.83
N LYS B 90 5.44 22.04 -27.96
CA LYS B 90 6.36 21.65 -26.89
C LYS B 90 7.16 20.39 -27.21
N LEU B 91 6.65 19.55 -28.10
CA LEU B 91 7.32 18.29 -28.44
C LEU B 91 8.11 18.39 -29.76
N PRO B 92 9.33 17.85 -29.77
CA PRO B 92 10.18 17.88 -30.96
C PRO B 92 9.82 16.77 -31.95
N GLY B 93 10.22 16.96 -33.20
CA GLY B 93 10.04 15.94 -34.23
C GLY B 93 8.63 15.94 -34.78
N PRO B 94 8.34 14.99 -35.68
CA PRO B 94 7.01 14.86 -36.27
C PRO B 94 5.94 14.63 -35.21
N THR B 95 4.83 15.37 -35.33
CA THR B 95 3.74 15.30 -34.37
C THR B 95 2.38 15.29 -35.07
N LEU B 96 1.35 14.89 -34.33
CA LEU B 96 -0.05 15.12 -34.70
C LEU B 96 -0.62 16.06 -33.67
N TRP B 97 -1.58 16.90 -34.05
CA TRP B 97 -2.18 17.78 -33.06
C TRP B 97 -3.69 17.96 -33.27
N ALA B 98 -4.36 18.43 -32.23
CA ALA B 98 -5.81 18.59 -32.22
C ALA B 98 -6.22 19.76 -31.33
N SER B 99 -7.10 20.61 -31.85
CA SER B 99 -7.68 21.70 -31.07
C SER B 99 -8.82 21.20 -30.19
N TYR B 100 -9.07 21.92 -29.10
CA TYR B 100 -10.14 21.57 -28.16
C TYR B 100 -10.47 22.71 -27.20
N SER B 101 -11.59 22.56 -26.50
CA SER B 101 -11.96 23.48 -25.42
C SER B 101 -11.92 22.77 -24.07
N LEU B 102 -11.50 23.49 -23.04
CA LEU B 102 -11.52 23.00 -21.67
C LEU B 102 -12.46 23.92 -20.90
N GLU B 103 -12.64 23.68 -19.61
CA GLU B 103 -13.63 24.45 -18.84
C GLU B 103 -13.49 25.96 -18.99
N TYR B 104 -12.28 26.47 -18.93
CA TYR B 104 -12.06 27.93 -18.89
C TYR B 104 -11.17 28.45 -20.01
N GLY B 105 -11.16 27.77 -21.15
CA GLY B 105 -10.38 28.22 -22.27
C GLY B 105 -10.33 27.24 -23.43
N LYS B 106 -9.44 27.50 -24.35
CA LYS B 106 -9.21 26.59 -25.46
C LYS B 106 -7.71 26.42 -25.66
N ALA B 107 -7.33 25.34 -26.31
CA ALA B 107 -5.93 25.03 -26.52
C ALA B 107 -5.79 23.99 -27.61
N GLU B 108 -4.56 23.52 -27.79
CA GLU B 108 -4.26 22.47 -28.75
C GLU B 108 -3.30 21.47 -28.09
N LEU B 109 -3.59 20.19 -28.23
CA LEU B 109 -2.72 19.13 -27.70
C LEU B 109 -1.99 18.48 -28.86
N GLU B 110 -0.87 17.84 -28.54
CA GLU B 110 -0.01 17.25 -29.54
C GLU B 110 0.61 15.96 -29.00
N ILE B 111 0.93 15.04 -29.90
CA ILE B 111 1.62 13.81 -29.56
C ILE B 111 2.64 13.55 -30.69
N GLN B 112 3.78 12.96 -30.35
CA GLN B 112 4.79 12.59 -31.35
C GLN B 112 4.29 11.38 -32.15
N LYS B 113 4.55 11.38 -33.46
CA LYS B 113 4.03 10.33 -34.35
C LYS B 113 4.53 8.94 -33.99
N ASP B 114 5.65 8.85 -33.29
CA ASP B 114 6.19 7.56 -32.89
C ASP B 114 6.03 7.28 -31.39
N ALA B 115 5.11 7.97 -30.75
CA ALA B 115 4.86 7.76 -29.33
C ALA B 115 4.36 6.34 -29.07
N LEU B 116 3.59 5.83 -30.02
CA LEU B 116 2.96 4.52 -29.89
C LEU B 116 2.90 3.82 -31.24
N GLU B 117 2.92 2.50 -31.22
CA GLU B 117 2.71 1.72 -32.44
C GLU B 117 1.26 1.26 -32.47
N PRO B 118 0.73 0.96 -33.67
CA PRO B 118 -0.64 0.52 -33.78
C PRO B 118 -0.95 -0.70 -32.91
N GLY B 119 -2.11 -0.69 -32.24
CA GLY B 119 -2.54 -1.82 -31.42
C GLY B 119 -2.12 -1.73 -29.97
N GLN B 120 -1.22 -0.81 -29.65
CA GLN B 120 -0.71 -0.70 -28.29
C GLN B 120 -1.76 -0.12 -27.34
N ARG B 121 -1.83 -0.71 -26.15
CA ARG B 121 -2.90 -0.47 -25.19
C ARG B 121 -2.49 0.61 -24.20
N VAL B 122 -3.36 1.61 -24.04
CA VAL B 122 -3.05 2.82 -23.28
C VAL B 122 -4.13 3.22 -22.30
N VAL B 123 -3.72 3.76 -21.16
CA VAL B 123 -4.63 4.39 -20.22
C VAL B 123 -4.20 5.85 -20.05
N VAL B 124 -5.17 6.76 -20.16
CA VAL B 124 -4.88 8.19 -20.05
C VAL B 124 -5.12 8.67 -18.63
N VAL B 125 -4.19 9.45 -18.11
CA VAL B 125 -4.33 10.01 -16.77
CA VAL B 125 -4.27 10.00 -16.78
C VAL B 125 -4.14 11.52 -16.79
N ASP B 126 -5.05 12.20 -16.10
CA ASP B 126 -4.95 13.63 -15.89
C ASP B 126 -5.39 13.90 -14.46
N ASP B 127 -5.12 15.10 -13.97
CA ASP B 127 -5.42 15.44 -12.59
C ASP B 127 -6.91 15.59 -12.35
N LEU B 128 -7.59 16.22 -13.30
CA LEU B 128 -8.99 16.56 -13.16
C LEU B 128 -9.75 16.47 -14.47
N LEU B 129 -10.96 15.96 -14.39
CA LEU B 129 -11.90 15.97 -15.52
C LEU B 129 -13.01 16.98 -15.29
N ALA B 130 -13.18 17.89 -16.23
CA ALA B 130 -14.24 18.88 -16.14
C ALA B 130 -15.16 18.68 -17.34
N THR B 131 -15.01 19.50 -18.39
CA THR B 131 -15.83 19.36 -19.59
C THR B 131 -15.48 18.09 -20.37
N GLY B 132 -14.27 17.58 -20.15
CA GLY B 132 -13.75 16.39 -20.84
C GLY B 132 -13.06 16.71 -22.15
N GLY B 133 -12.96 18.00 -22.48
CA GLY B 133 -12.37 18.44 -23.74
C GLY B 133 -10.92 17.99 -23.89
N THR B 134 -10.14 18.16 -22.84
CA THR B 134 -8.73 17.77 -22.86
C THR B 134 -8.55 16.27 -23.08
N MET B 135 -9.26 15.48 -22.27
CA MET B 135 -9.15 14.04 -22.33
C MET B 135 -9.64 13.53 -23.69
N ASN B 136 -10.66 14.18 -24.22
CA ASN B 136 -11.21 13.76 -25.49
C ASN B 136 -10.20 13.99 -26.62
N ALA B 137 -9.51 15.13 -26.59
CA ALA B 137 -8.49 15.45 -27.59
C ALA B 137 -7.33 14.44 -27.49
N ALA B 138 -6.97 14.09 -26.27
CA ALA B 138 -5.97 13.05 -26.01
C ALA B 138 -6.38 11.73 -26.67
N CYS B 139 -7.62 11.32 -26.43
CA CYS B 139 -8.15 10.10 -27.03
C CYS B 139 -8.17 10.19 -28.55
N GLU B 140 -8.49 11.36 -29.08
CA GLU B 140 -8.49 11.56 -30.53
C GLU B 140 -7.09 11.32 -31.11
N LEU B 141 -6.07 11.90 -30.48
CA LEU B 141 -4.69 11.78 -30.97
C LEU B 141 -4.19 10.34 -30.85
N LEU B 142 -4.48 9.71 -29.72
CA LEU B 142 -4.12 8.32 -29.51
C LEU B 142 -4.77 7.43 -30.59
N GLY B 143 -6.01 7.76 -30.96
CA GLY B 143 -6.72 7.04 -32.02
C GLY B 143 -6.04 7.19 -33.39
N ARG B 144 -5.49 8.36 -33.65
CA ARG B 144 -4.76 8.60 -34.91
C ARG B 144 -3.56 7.66 -35.04
N LEU B 145 -2.93 7.33 -33.91
CA LEU B 145 -1.80 6.41 -33.89
C LEU B 145 -2.26 4.96 -33.84
N GLN B 146 -3.58 4.76 -33.90
CA GLN B 146 -4.19 3.43 -33.82
C GLN B 146 -3.92 2.74 -32.49
N ALA B 147 -3.82 3.52 -31.43
CA ALA B 147 -3.67 2.98 -30.10
C ALA B 147 -5.04 2.56 -29.61
N GLU B 148 -5.07 1.56 -28.75
N GLU B 148 -5.08 1.53 -28.77
CA GLU B 148 -6.30 1.18 -28.09
CA GLU B 148 -6.30 1.17 -28.07
C GLU B 148 -6.39 1.87 -26.73
C GLU B 148 -6.34 1.93 -26.74
N VAL B 149 -7.30 2.82 -26.59
CA VAL B 149 -7.49 3.53 -25.34
C VAL B 149 -8.45 2.75 -24.45
N LEU B 150 -7.90 2.12 -23.41
CA LEU B 150 -8.70 1.23 -22.56
C LEU B 150 -9.54 2.00 -21.54
N GLU B 151 -9.02 3.11 -21.06
CA GLU B 151 -9.67 3.85 -19.98
C GLU B 151 -8.98 5.21 -19.81
N CYS B 152 -9.72 6.16 -19.26
CA CYS B 152 -9.14 7.43 -18.81
C CYS B 152 -9.41 7.54 -17.31
N VAL B 153 -8.45 8.09 -16.57
CA VAL B 153 -8.61 8.26 -15.14
C VAL B 153 -8.16 9.65 -14.68
N SER B 154 -8.71 10.08 -13.55
CA SER B 154 -8.29 11.34 -12.93
C SER B 154 -8.46 11.24 -11.43
N LEU B 155 -7.85 12.18 -10.71
CA LEU B 155 -8.04 12.28 -9.28
C LEU B 155 -9.43 12.81 -8.98
N VAL B 156 -9.81 13.83 -9.74
CA VAL B 156 -11.04 14.58 -9.47
C VAL B 156 -11.92 14.62 -10.70
N GLU B 157 -13.23 14.56 -10.48
CA GLU B 157 -14.21 14.68 -11.54
C GLU B 157 -15.28 15.68 -11.13
N LEU B 158 -15.56 16.64 -12.01
CA LEU B 158 -16.58 17.65 -11.73
C LEU B 158 -17.86 17.25 -12.47
N THR B 159 -18.73 16.56 -11.74
CA THR B 159 -19.81 15.79 -12.35
C THR B 159 -20.87 16.65 -13.07
N SER B 160 -21.08 17.87 -12.59
CA SER B 160 -22.07 18.75 -13.22
C SER B 160 -21.73 19.01 -14.68
N LEU B 161 -20.44 19.13 -14.99
CA LEU B 161 -19.99 19.48 -16.34
C LEU B 161 -20.06 18.31 -17.33
N LYS B 162 -20.45 17.14 -16.83
CA LYS B 162 -20.75 15.97 -17.69
C LYS B 162 -19.59 15.53 -18.61
N GLY B 163 -18.36 15.69 -18.15
CA GLY B 163 -17.19 15.27 -18.92
C GLY B 163 -17.19 13.79 -19.26
N ARG B 164 -17.68 12.98 -18.32
CA ARG B 164 -17.77 11.53 -18.51
C ARG B 164 -18.58 11.18 -19.75
N GLU B 165 -19.75 11.80 -19.87
CA GLU B 165 -20.65 11.53 -20.99
C GLU B 165 -19.97 11.85 -22.32
N LYS B 166 -19.08 12.83 -22.30
CA LYS B 166 -18.37 13.25 -23.51
C LYS B 166 -17.29 12.26 -23.94
N LEU B 167 -16.77 11.48 -22.99
CA LEU B 167 -15.75 10.46 -23.31
C LEU B 167 -16.34 9.15 -23.79
N ALA B 168 -17.60 8.88 -23.45
CA ALA B 168 -18.28 7.67 -23.89
C ALA B 168 -17.99 7.48 -25.37
N PRO B 169 -17.72 6.26 -25.81
CA PRO B 169 -17.80 5.05 -24.97
C PRO B 169 -16.51 4.68 -24.24
N VAL B 170 -15.51 5.56 -24.26
CA VAL B 170 -14.28 5.29 -23.51
C VAL B 170 -14.59 5.30 -22.01
N PRO B 171 -14.26 4.22 -21.31
CA PRO B 171 -14.58 4.18 -19.89
C PRO B 171 -13.79 5.22 -19.10
N PHE B 172 -14.37 5.67 -17.99
CA PHE B 172 -13.73 6.67 -17.16
C PHE B 172 -13.84 6.34 -15.67
N PHE B 173 -12.79 6.67 -14.92
CA PHE B 173 -12.77 6.46 -13.49
C PHE B 173 -12.10 7.63 -12.78
N SER B 174 -12.75 8.12 -11.73
CA SER B 174 -12.17 9.16 -10.89
C SER B 174 -12.19 8.74 -9.43
N LEU B 175 -11.24 9.26 -8.67
CA LEU B 175 -11.21 9.00 -7.23
C LEU B 175 -12.29 9.78 -6.51
N LEU B 176 -12.39 11.07 -6.83
CA LEU B 176 -13.30 11.96 -6.12
C LEU B 176 -14.20 12.71 -7.09
N GLN B 177 -15.44 12.87 -6.67
CA GLN B 177 -16.43 13.59 -7.47
C GLN B 177 -16.97 14.78 -6.69
N TYR B 178 -17.05 15.91 -7.37
CA TYR B 178 -17.75 17.10 -6.85
C TYR B 178 -18.75 17.55 -7.91
N GLU B 179 -19.76 18.31 -7.51
CA GLU B 179 -20.64 18.91 -8.51
C GLU B 179 -19.82 19.82 -9.43
N SER C 3 26.13 1.18 -15.01
CA SER C 3 25.20 0.49 -15.95
C SER C 3 23.80 1.09 -15.86
N GLU C 4 23.35 1.39 -14.64
CA GLU C 4 22.09 2.10 -14.48
C GLU C 4 22.19 3.45 -15.18
N LEU C 5 23.35 4.09 -15.07
CA LEU C 5 23.57 5.34 -15.76
C LEU C 5 23.45 5.16 -17.29
N GLN C 6 23.79 3.98 -17.78
CA GLN C 6 23.71 3.70 -19.22
C GLN C 6 22.25 3.53 -19.68
N LEU C 7 21.40 3.03 -18.79
CA LEU C 7 19.98 2.88 -19.09
C LEU C 7 19.33 4.24 -19.32
N VAL C 8 19.91 5.28 -18.73
CA VAL C 8 19.40 6.63 -18.91
C VAL C 8 20.03 7.25 -20.15
N GLU C 9 21.35 7.23 -20.19
CA GLU C 9 22.10 7.78 -21.31
C GLU C 9 21.55 7.28 -22.65
N GLN C 10 21.24 5.99 -22.74
CA GLN C 10 20.77 5.39 -23.99
C GLN C 10 19.40 5.88 -24.43
N ARG C 11 18.71 6.60 -23.56
CA ARG C 11 17.33 6.98 -23.84
C ARG C 11 17.13 8.49 -24.04
N ILE C 12 18.19 9.18 -24.42
CA ILE C 12 18.05 10.59 -24.78
C ILE C 12 18.10 10.72 -26.30
N ARG C 13 17.15 11.46 -26.85
CA ARG C 13 17.11 11.71 -28.29
C ARG C 13 17.42 13.16 -28.59
N SER C 14 18.05 13.42 -29.73
CA SER C 14 18.40 14.79 -30.09
C SER C 14 17.66 15.26 -31.33
N PHE C 15 17.15 16.49 -31.28
CA PHE C 15 16.48 17.11 -32.43
C PHE C 15 17.05 18.50 -32.71
N PRO C 16 17.67 18.68 -33.88
CA PRO C 16 18.22 19.99 -34.21
C PRO C 16 17.16 21.04 -34.55
N ASP C 17 17.38 22.25 -34.08
CA ASP C 17 16.59 23.42 -34.49
C ASP C 17 15.14 23.42 -33.97
N PHE C 18 14.94 22.77 -32.83
CA PHE C 18 13.67 22.87 -32.13
C PHE C 18 13.93 23.45 -30.74
N PRO C 19 13.09 24.40 -30.31
CA PRO C 19 11.91 24.85 -31.06
C PRO C 19 12.22 26.02 -32.00
N THR C 20 13.47 26.44 -32.01
CA THR C 20 13.92 27.50 -32.91
C THR C 20 15.27 27.13 -33.49
N PRO C 21 15.68 27.81 -34.58
CA PRO C 21 16.99 27.54 -35.16
C PRO C 21 18.12 27.78 -34.16
N GLY C 22 19.13 26.92 -34.18
CA GLY C 22 20.31 27.11 -33.34
C GLY C 22 20.22 26.39 -32.00
N VAL C 23 19.10 25.73 -31.75
CA VAL C 23 18.96 24.90 -30.56
C VAL C 23 19.00 23.42 -30.92
N VAL C 24 19.89 22.66 -30.29
CA VAL C 24 19.80 21.21 -30.35
C VAL C 24 19.00 20.72 -29.15
N PHE C 25 17.79 20.24 -29.41
CA PHE C 25 16.85 19.87 -28.36
C PHE C 25 17.09 18.43 -27.89
N ARG C 26 17.30 18.27 -26.59
CA ARG C 26 17.44 16.94 -25.99
C ARG C 26 16.09 16.43 -25.46
N ASP C 27 15.55 15.42 -26.14
CA ASP C 27 14.25 14.84 -25.80
C ASP C 27 14.39 13.76 -24.72
N ILE C 28 13.77 14.00 -23.57
CA ILE C 28 13.79 13.07 -22.44
C ILE C 28 12.71 11.99 -22.57
N SER C 29 11.83 12.14 -23.57
CA SER C 29 10.66 11.26 -23.72
C SER C 29 10.99 9.79 -23.60
N PRO C 30 12.11 9.33 -24.19
CA PRO C 30 12.40 7.90 -24.15
C PRO C 30 12.76 7.36 -22.75
N VAL C 31 13.17 8.26 -21.85
CA VAL C 31 13.47 7.90 -20.47
C VAL C 31 12.18 7.56 -19.75
N LEU C 32 11.16 8.37 -20.00
CA LEU C 32 9.83 8.17 -19.41
C LEU C 32 9.14 6.94 -19.98
N LYS C 33 9.41 6.66 -21.25
CA LYS C 33 8.72 5.60 -21.97
C LYS C 33 9.24 4.19 -21.64
N ASP C 34 10.49 4.14 -21.18
CA ASP C 34 11.13 2.90 -20.79
C ASP C 34 11.14 2.82 -19.25
N PRO C 35 10.32 1.94 -18.67
CA PRO C 35 10.23 1.93 -17.20
C PRO C 35 11.58 1.69 -16.50
N ALA C 36 12.43 0.86 -17.08
CA ALA C 36 13.73 0.57 -16.49
C ALA C 36 14.61 1.83 -16.48
N SER C 37 14.43 2.66 -17.51
CA SER C 37 15.21 3.88 -17.67
C SER C 37 14.78 4.91 -16.63
N PHE C 38 13.47 5.09 -16.51
CA PHE C 38 12.93 6.06 -15.57
C PHE C 38 13.28 5.66 -14.13
N ARG C 39 13.13 4.38 -13.82
CA ARG C 39 13.46 3.89 -12.49
C ARG C 39 14.93 4.14 -12.16
N ALA C 40 15.81 3.92 -13.11
CA ALA C 40 17.23 4.13 -12.92
C ALA C 40 17.52 5.61 -12.62
N ALA C 41 16.83 6.50 -13.32
CA ALA C 41 17.04 7.94 -13.16
C ALA C 41 16.61 8.43 -11.78
N ILE C 42 15.41 8.02 -11.36
CA ILE C 42 14.90 8.37 -10.04
C ILE C 42 15.83 7.84 -8.94
N GLY C 43 16.21 6.57 -9.06
CA GLY C 43 17.09 5.92 -8.08
C GLY C 43 18.45 6.58 -7.98
N LEU C 44 19.03 6.91 -9.13
CA LEU C 44 20.32 7.60 -9.18
C LEU C 44 20.27 8.97 -8.51
N LEU C 45 19.21 9.73 -8.79
CA LEU C 45 19.03 11.05 -8.19
C LEU C 45 18.77 10.95 -6.68
N ALA C 46 17.96 9.98 -6.28
CA ALA C 46 17.59 9.84 -4.88
C ALA C 46 18.81 9.43 -4.06
N ARG C 47 19.60 8.53 -4.62
CA ARG C 47 20.77 8.01 -3.94
C ARG C 47 21.78 9.14 -3.76
N HIS C 48 21.92 9.97 -4.78
CA HIS C 48 22.79 11.14 -4.67
C HIS C 48 22.34 12.09 -3.56
N LEU C 49 21.05 12.41 -3.53
CA LEU C 49 20.55 13.35 -2.54
C LEU C 49 20.63 12.81 -1.11
N LYS C 50 20.32 11.52 -0.93
CA LYS C 50 20.47 10.87 0.37
C LYS C 50 21.92 10.93 0.86
N ALA C 51 22.85 10.71 -0.05
CA ALA C 51 24.28 10.74 0.28
C ALA C 51 24.75 12.16 0.60
N THR C 52 24.22 13.14 -0.12
CA THR C 52 24.71 14.52 0.01
C THR C 52 24.03 15.33 1.11
N HIS C 53 22.74 15.07 1.37
CA HIS C 53 22.00 15.89 2.34
C HIS C 53 21.39 15.10 3.49
N GLY C 54 21.63 13.79 3.51
CA GLY C 54 21.13 12.96 4.60
C GLY C 54 19.64 13.12 4.74
N GLY C 55 19.20 13.49 5.93
CA GLY C 55 17.77 13.67 6.19
C GLY C 55 17.47 15.12 6.50
N ARG C 56 18.12 16.02 5.77
CA ARG C 56 17.94 17.45 6.00
C ARG C 56 17.01 18.08 4.97
N ILE C 57 16.52 17.28 4.03
CA ILE C 57 15.61 17.79 3.00
C ILE C 57 14.18 17.75 3.49
N ASP C 58 13.50 18.89 3.45
CA ASP C 58 12.10 18.98 3.85
C ASP C 58 11.16 18.72 2.67
N TYR C 59 11.45 19.32 1.52
CA TYR C 59 10.61 19.20 0.33
C TYR C 59 11.42 19.19 -0.96
N ILE C 60 10.87 18.52 -1.97
CA ILE C 60 11.32 18.68 -3.33
C ILE C 60 10.46 19.77 -3.97
N ALA C 61 11.08 20.60 -4.81
CA ALA C 61 10.33 21.53 -5.65
C ALA C 61 10.50 21.12 -7.10
N GLY C 62 9.38 20.93 -7.79
CA GLY C 62 9.41 20.52 -9.18
C GLY C 62 9.03 21.67 -10.08
N LEU C 63 9.78 21.84 -11.18
CA LEU C 63 9.54 22.97 -12.08
C LEU C 63 8.64 22.61 -13.27
N ASP C 64 7.52 23.32 -13.37
CA ASP C 64 6.55 23.22 -14.46
C ASP C 64 7.30 23.49 -15.78
N SER C 65 7.17 22.65 -16.81
CA SER C 65 6.30 21.47 -16.80
CA SER C 65 6.30 21.47 -16.81
C SER C 65 7.09 20.16 -16.75
N ARG C 66 8.20 20.10 -17.46
CA ARG C 66 8.96 18.86 -17.54
C ARG C 66 9.55 18.42 -16.20
N GLY C 67 9.80 19.39 -15.31
CA GLY C 67 10.23 19.07 -13.95
C GLY C 67 9.19 18.28 -13.18
N PHE C 68 7.91 18.47 -13.53
CA PHE C 68 6.79 17.73 -12.93
C PHE C 68 6.86 16.22 -13.18
N LEU C 69 7.59 15.82 -14.23
CA LEU C 69 7.70 14.41 -14.57
C LEU C 69 8.63 13.66 -13.59
N PHE C 70 9.48 14.41 -12.88
CA PHE C 70 10.47 13.81 -12.01
C PHE C 70 10.25 14.16 -10.54
N GLY C 71 9.80 15.37 -10.29
CA GLY C 71 9.62 15.88 -8.94
C GLY C 71 8.90 14.93 -8.01
N PRO C 72 7.63 14.63 -8.30
CA PRO C 72 6.85 13.79 -7.41
C PRO C 72 7.43 12.37 -7.25
N SER C 73 7.99 11.81 -8.31
CA SER C 73 8.59 10.47 -8.17
C SER C 73 9.81 10.50 -7.26
N LEU C 74 10.67 11.50 -7.47
CA LEU C 74 11.86 11.66 -6.65
C LEU C 74 11.47 11.93 -5.19
N ALA C 75 10.51 12.81 -4.99
CA ALA C 75 10.04 13.13 -3.65
C ALA C 75 9.53 11.86 -2.96
N GLN C 76 8.67 11.13 -3.65
CA GLN C 76 8.12 9.89 -3.13
C GLN C 76 9.22 8.91 -2.74
N GLU C 77 10.19 8.72 -3.62
CA GLU C 77 11.30 7.82 -3.35
C GLU C 77 12.02 8.21 -2.04
N LEU C 78 12.06 9.51 -1.77
CA LEU C 78 12.73 10.03 -0.57
C LEU C 78 11.80 10.22 0.64
N GLY C 79 10.53 9.86 0.48
CA GLY C 79 9.53 10.01 1.55
C GLY C 79 9.15 11.44 1.87
N LEU C 80 9.25 12.30 0.86
CA LEU C 80 9.02 13.75 1.02
C LEU C 80 7.86 14.28 0.17
N GLY C 81 7.32 15.42 0.57
CA GLY C 81 6.34 16.13 -0.24
C GLY C 81 7.02 16.87 -1.39
N CYS C 82 6.23 17.21 -2.40
CA CYS C 82 6.70 17.98 -3.57
C CYS C 82 5.89 19.27 -3.64
N VAL C 83 6.56 20.41 -3.64
CA VAL C 83 5.90 21.69 -3.91
C VAL C 83 6.00 22.04 -5.40
N LEU C 84 5.06 22.84 -5.89
CA LEU C 84 4.98 23.16 -7.30
C LEU C 84 5.37 24.60 -7.56
N ILE C 85 6.35 24.79 -8.43
CA ILE C 85 6.64 26.10 -8.97
C ILE C 85 6.15 26.10 -10.42
N ARG C 86 5.19 26.97 -10.71
CA ARG C 86 4.46 26.92 -11.98
C ARG C 86 4.73 28.12 -12.86
N LYS C 87 4.41 27.98 -14.15
N LYS C 87 4.39 27.99 -14.14
CA LYS C 87 4.43 29.12 -15.04
CA LYS C 87 4.43 29.12 -15.04
C LYS C 87 3.37 30.09 -14.54
C LYS C 87 3.35 30.08 -14.59
N ARG C 88 3.64 31.38 -14.67
CA ARG C 88 2.78 32.39 -14.08
C ARG C 88 1.32 32.31 -14.53
N GLY C 89 0.41 32.52 -13.58
CA GLY C 89 -1.01 32.55 -13.86
C GLY C 89 -1.71 31.21 -13.75
N LYS C 90 -0.98 30.18 -13.34
CA LYS C 90 -1.52 28.82 -13.30
C LYS C 90 -1.95 28.37 -11.89
N LEU C 91 -1.34 28.95 -10.87
CA LEU C 91 -1.65 28.62 -9.47
C LEU C 91 -2.68 29.59 -8.88
N PRO C 92 -3.63 29.06 -8.09
CA PRO C 92 -4.64 29.89 -7.43
C PRO C 92 -4.16 30.46 -6.11
N GLY C 93 -4.77 31.55 -5.67
CA GLY C 93 -4.47 32.16 -4.39
C GLY C 93 -3.30 33.13 -4.45
N PRO C 94 -2.88 33.64 -3.29
CA PRO C 94 -1.73 34.55 -3.23
C PRO C 94 -0.46 33.89 -3.76
N THR C 95 0.23 34.57 -4.66
CA THR C 95 1.44 34.04 -5.25
C THR C 95 2.56 35.06 -5.26
N LEU C 96 3.77 34.56 -5.42
CA LEU C 96 4.92 35.39 -5.75
C LEU C 96 5.37 34.97 -7.15
N TRP C 97 5.88 35.90 -7.94
CA TRP C 97 6.34 35.56 -9.27
C TRP C 97 7.67 36.23 -9.63
N ALA C 98 8.38 35.64 -10.58
CA ALA C 98 9.62 36.21 -11.09
C ALA C 98 9.80 35.89 -12.57
N SER C 99 10.34 36.85 -13.32
CA SER C 99 10.55 36.68 -14.75
C SER C 99 12.00 36.30 -15.05
N TYR C 100 12.22 35.65 -16.18
CA TYR C 100 13.56 35.16 -16.53
C TYR C 100 13.71 34.87 -18.02
N SER C 101 14.96 34.66 -18.43
CA SER C 101 15.26 34.17 -19.76
C SER C 101 15.73 32.72 -19.68
N LEU C 102 15.27 31.90 -20.60
CA LEU C 102 15.78 30.53 -20.77
C LEU C 102 16.50 30.46 -22.12
N GLU C 103 16.91 29.26 -22.52
CA GLU C 103 17.71 29.12 -23.74
C GLU C 103 17.01 29.69 -24.98
N TYR C 104 15.74 29.36 -25.17
CA TYR C 104 15.03 29.75 -26.40
C TYR C 104 13.85 30.67 -26.17
N GLY C 105 13.92 31.50 -25.13
CA GLY C 105 12.86 32.47 -24.89
C GLY C 105 12.84 33.06 -23.49
N LYS C 106 11.74 33.74 -23.18
CA LYS C 106 11.52 34.33 -21.86
C LYS C 106 10.24 33.79 -21.26
N ALA C 107 10.18 33.80 -19.92
CA ALA C 107 9.00 33.31 -19.21
C ALA C 107 8.95 33.87 -17.80
N GLU C 108 7.98 33.40 -17.04
CA GLU C 108 7.82 33.78 -15.64
C GLU C 108 7.39 32.56 -14.85
N LEU C 109 7.96 32.40 -13.67
CA LEU C 109 7.55 31.33 -12.76
C LEU C 109 6.82 31.95 -11.57
N GLU C 110 6.05 31.11 -10.89
CA GLU C 110 5.22 31.56 -9.79
C GLU C 110 5.16 30.49 -8.71
N ILE C 111 4.93 30.91 -7.49
CA ILE C 111 4.78 29.97 -6.39
C ILE C 111 3.76 30.55 -5.42
N GLN C 112 2.96 29.67 -4.81
CA GLN C 112 2.00 30.10 -3.81
C GLN C 112 2.73 30.57 -2.55
N LYS C 113 2.24 31.66 -1.96
CA LYS C 113 2.86 32.23 -0.75
C LYS C 113 2.95 31.25 0.42
N ASP C 114 2.02 30.31 0.50
CA ASP C 114 2.01 29.33 1.60
C ASP C 114 2.68 28.00 1.23
N ALA C 115 3.49 28.01 0.18
CA ALA C 115 4.16 26.81 -0.27
C ALA C 115 5.14 26.32 0.79
N LEU C 116 5.87 27.25 1.38
CA LEU C 116 6.93 26.92 2.32
C LEU C 116 6.99 27.92 3.47
N GLU C 117 7.44 27.45 4.63
CA GLU C 117 7.69 28.33 5.76
C GLU C 117 9.16 28.71 5.79
N PRO C 118 9.49 29.88 6.34
CA PRO C 118 10.88 30.30 6.43
C PRO C 118 11.76 29.22 7.04
N GLY C 119 12.94 29.01 6.46
CA GLY C 119 13.89 28.04 7.00
C GLY C 119 13.74 26.62 6.47
N GLN C 120 12.58 26.30 5.89
CA GLN C 120 12.38 24.97 5.34
C GLN C 120 13.33 24.71 4.18
N ARG C 121 13.84 23.48 4.12
CA ARG C 121 14.92 23.13 3.21
C ARG C 121 14.41 22.38 1.99
N VAL C 122 14.91 22.77 0.82
CA VAL C 122 14.35 22.33 -0.44
C VAL C 122 15.43 21.94 -1.43
N VAL C 123 15.12 20.95 -2.23
CA VAL C 123 15.93 20.57 -3.37
C VAL C 123 15.06 20.77 -4.61
N VAL C 124 15.58 21.52 -5.58
CA VAL C 124 14.83 21.86 -6.79
C VAL C 124 15.17 20.86 -7.86
N VAL C 125 14.16 20.37 -8.57
CA VAL C 125 14.42 19.43 -9.66
CA VAL C 125 14.34 19.39 -9.63
C VAL C 125 13.75 19.87 -10.95
N ASP C 126 14.54 19.78 -12.02
CA ASP C 126 14.05 20.04 -13.36
C ASP C 126 14.59 18.94 -14.25
N ASP C 127 14.05 18.82 -15.46
CA ASP C 127 14.52 17.80 -16.38
C ASP C 127 15.89 18.13 -16.95
N LEU C 128 16.11 19.39 -17.27
CA LEU C 128 17.31 19.77 -17.99
C LEU C 128 17.77 21.17 -17.61
N LEU C 129 19.08 21.32 -17.47
CA LEU C 129 19.70 22.60 -17.17
C LEU C 129 20.43 23.09 -18.41
N ALA C 130 20.06 24.28 -18.87
CA ALA C 130 20.74 24.90 -20.00
C ALA C 130 21.44 26.15 -19.51
N THR C 131 20.84 27.32 -19.73
CA THR C 131 21.47 28.58 -19.30
C THR C 131 21.37 28.74 -17.79
N GLY C 132 20.46 27.99 -17.19
CA GLY C 132 20.22 28.09 -15.75
C GLY C 132 19.22 29.16 -15.38
N GLY C 133 18.65 29.81 -16.39
CA GLY C 133 17.66 30.88 -16.16
C GLY C 133 16.45 30.42 -15.38
N THR C 134 15.90 29.28 -15.77
CA THR C 134 14.72 28.72 -15.11
C THR C 134 15.03 28.33 -13.67
N MET C 135 16.13 27.62 -13.47
CA MET C 135 16.46 27.14 -12.13
C MET C 135 16.78 28.31 -11.21
N ASN C 136 17.47 29.32 -11.74
CA ASN C 136 17.76 30.51 -10.95
C ASN C 136 16.49 31.24 -10.52
N ALA C 137 15.53 31.35 -11.44
CA ALA C 137 14.28 32.03 -11.13
C ALA C 137 13.57 31.30 -9.99
N ALA C 138 13.57 29.98 -10.05
CA ALA C 138 12.98 29.15 -8.99
C ALA C 138 13.69 29.37 -7.65
N CYS C 139 15.01 29.44 -7.68
CA CYS C 139 15.77 29.72 -6.47
C CYS C 139 15.42 31.11 -5.92
N GLU C 140 15.20 32.07 -6.81
CA GLU C 140 14.81 33.42 -6.38
C GLU C 140 13.46 33.39 -5.66
N LEU C 141 12.51 32.62 -6.19
CA LEU C 141 11.17 32.55 -5.59
C LEU C 141 11.22 31.89 -4.21
N LEU C 142 11.92 30.76 -4.12
CA LEU C 142 12.11 30.08 -2.85
C LEU C 142 12.82 31.01 -1.86
N GLY C 143 13.73 31.83 -2.37
CA GLY C 143 14.49 32.75 -1.52
C GLY C 143 13.60 33.81 -0.90
N ARG C 144 12.61 34.23 -1.67
CA ARG C 144 11.64 35.22 -1.21
C ARG C 144 10.71 34.66 -0.15
N LEU C 145 10.56 33.33 -0.12
CA LEU C 145 9.82 32.67 0.96
C LEU C 145 10.74 32.38 2.14
N GLN C 146 12.02 32.71 1.98
CA GLN C 146 13.04 32.48 3.00
C GLN C 146 13.34 31.00 3.20
N ALA C 147 13.04 30.19 2.19
CA ALA C 147 13.39 28.78 2.24
C ALA C 147 14.89 28.62 2.00
N GLU C 148 15.44 27.51 2.45
CA GLU C 148 16.84 27.21 2.17
C GLU C 148 16.92 26.23 1.00
N VAL C 149 17.55 26.66 -0.09
CA VAL C 149 17.76 25.78 -1.23
C VAL C 149 19.08 25.04 -1.05
N LEU C 150 18.99 23.73 -0.83
CA LEU C 150 20.15 22.89 -0.54
C LEU C 150 20.94 22.52 -1.80
N GLU C 151 20.21 22.29 -2.89
CA GLU C 151 20.80 21.80 -4.11
C GLU C 151 19.77 21.88 -5.24
N CYS C 152 20.25 21.97 -6.47
CA CYS C 152 19.41 21.84 -7.65
C CYS C 152 19.90 20.63 -8.44
N VAL C 153 18.98 19.86 -9.01
CA VAL C 153 19.35 18.66 -9.74
C VAL C 153 18.57 18.53 -11.05
N SER C 154 19.19 17.90 -12.04
CA SER C 154 18.50 17.63 -13.31
C SER C 154 18.97 16.32 -13.90
N LEU C 155 18.22 15.81 -14.88
CA LEU C 155 18.69 14.67 -15.67
C LEU C 155 19.83 15.05 -16.60
N VAL C 156 19.65 16.15 -17.31
CA VAL C 156 20.59 16.55 -18.36
C VAL C 156 21.14 17.95 -18.08
N GLU C 157 22.40 18.14 -18.43
CA GLU C 157 23.08 19.42 -18.29
C GLU C 157 23.80 19.73 -19.60
N LEU C 158 23.59 20.93 -20.11
CA LEU C 158 24.25 21.38 -21.35
C LEU C 158 25.39 22.31 -20.97
N THR C 159 26.57 21.74 -20.83
CA THR C 159 27.69 22.39 -20.16
C THR C 159 28.22 23.64 -20.85
N SER C 160 28.09 23.71 -22.16
CA SER C 160 28.61 24.86 -22.90
C SER C 160 27.81 26.13 -22.59
N LEU C 161 26.63 25.97 -21.98
CA LEU C 161 25.78 27.11 -21.66
C LEU C 161 25.99 27.60 -20.22
N LYS C 162 26.85 26.92 -19.47
CA LYS C 162 27.30 27.41 -18.16
C LYS C 162 26.18 27.67 -17.15
N GLY C 163 25.10 26.90 -17.22
CA GLY C 163 24.00 27.03 -16.25
C GLY C 163 24.48 26.90 -14.81
N ARG C 164 25.40 25.96 -14.60
CA ARG C 164 25.98 25.71 -13.28
C ARG C 164 26.53 26.98 -12.63
N GLU C 165 27.21 27.80 -13.42
CA GLU C 165 27.83 29.02 -12.90
C GLU C 165 26.79 30.03 -12.43
N LYS C 166 25.61 30.01 -13.04
CA LYS C 166 24.52 30.91 -12.63
C LYS C 166 23.87 30.48 -11.32
N LEU C 167 24.01 29.21 -10.98
CA LEU C 167 23.47 28.71 -9.71
C LEU C 167 24.49 28.83 -8.57
N ALA C 168 25.77 28.90 -8.90
CA ALA C 168 26.83 29.00 -7.88
C ALA C 168 26.50 30.11 -6.87
N PRO C 169 26.72 29.87 -5.58
CA PRO C 169 27.36 28.65 -5.07
C PRO C 169 26.39 27.55 -4.66
N VAL C 170 25.14 27.63 -5.09
CA VAL C 170 24.21 26.54 -4.80
C VAL C 170 24.70 25.28 -5.52
N PRO C 171 24.84 24.17 -4.78
CA PRO C 171 25.27 22.92 -5.39
C PRO C 171 24.37 22.46 -6.53
N PHE C 172 24.96 21.96 -7.60
CA PHE C 172 24.20 21.40 -8.71
C PHE C 172 24.71 20.02 -9.11
N PHE C 173 23.76 19.16 -9.47
CA PHE C 173 24.07 17.78 -9.87
C PHE C 173 23.19 17.34 -11.04
N SER C 174 23.81 16.83 -12.09
CA SER C 174 23.10 16.25 -13.23
C SER C 174 23.58 14.84 -13.49
N LEU C 175 22.69 14.00 -13.99
CA LEU C 175 23.03 12.63 -14.35
C LEU C 175 23.89 12.57 -15.61
N LEU C 176 23.54 13.41 -16.57
CA LEU C 176 24.18 13.38 -17.90
C LEU C 176 24.62 14.77 -18.34
N GLN C 177 25.77 14.83 -18.99
CA GLN C 177 26.30 16.08 -19.50
C GLN C 177 26.57 16.01 -20.99
N TYR C 178 26.19 17.07 -21.69
CA TYR C 178 26.48 17.22 -23.11
C TYR C 178 27.02 18.62 -23.29
N GLU C 179 27.95 18.81 -24.22
CA GLU C 179 28.47 20.15 -24.47
C GLU C 179 27.33 21.08 -24.86
N SER D 3 -13.41 -15.09 39.79
CA SER D 3 -13.01 -16.43 39.30
C SER D 3 -12.46 -16.33 37.90
N GLU D 4 -11.68 -17.33 37.51
CA GLU D 4 -11.13 -17.40 36.18
C GLU D 4 -12.22 -17.36 35.11
N LEU D 5 -13.22 -18.21 35.25
CA LEU D 5 -14.30 -18.24 34.25
C LEU D 5 -14.99 -16.89 34.15
N GLN D 6 -15.15 -16.20 35.28
CA GLN D 6 -15.77 -14.88 35.26
C GLN D 6 -14.90 -13.86 34.51
N LEU D 7 -13.58 -14.01 34.58
CA LEU D 7 -12.67 -13.12 33.86
C LEU D 7 -12.90 -13.25 32.35
N VAL D 8 -13.29 -14.43 31.92
CA VAL D 8 -13.59 -14.66 30.51
C VAL D 8 -15.00 -14.19 30.20
N GLU D 9 -15.94 -14.56 31.05
CA GLU D 9 -17.35 -14.23 30.86
C GLU D 9 -17.58 -12.71 30.75
N GLN D 10 -16.85 -11.94 31.56
CA GLN D 10 -17.00 -10.49 31.58
C GLN D 10 -16.46 -9.82 30.32
N ARG D 11 -15.80 -10.58 29.47
CA ARG D 11 -15.15 -10.00 28.30
C ARG D 11 -15.74 -10.49 26.98
N ILE D 12 -16.96 -11.01 27.04
CA ILE D 12 -17.72 -11.26 25.82
C ILE D 12 -18.71 -10.11 25.65
N ARG D 13 -18.65 -9.43 24.51
CA ARG D 13 -19.66 -8.41 24.25
C ARG D 13 -20.52 -8.79 23.05
N SER D 14 -21.78 -8.41 23.12
CA SER D 14 -22.77 -8.87 22.17
C SER D 14 -23.20 -7.76 21.23
N PHE D 15 -23.33 -8.10 19.95
CA PHE D 15 -23.82 -7.18 18.94
C PHE D 15 -25.05 -7.74 18.28
N PRO D 16 -26.24 -7.27 18.69
CA PRO D 16 -27.47 -7.73 18.07
C PRO D 16 -27.50 -7.40 16.58
N ASP D 17 -27.89 -8.39 15.76
CA ASP D 17 -28.20 -8.16 14.35
C ASP D 17 -26.99 -7.93 13.44
N PHE D 18 -25.88 -8.57 13.80
CA PHE D 18 -24.69 -8.61 12.97
C PHE D 18 -24.28 -10.08 12.81
N PRO D 19 -23.85 -10.49 11.61
CA PRO D 19 -23.73 -9.58 10.50
C PRO D 19 -24.95 -9.63 9.60
N VAL D 23 -29.34 -12.43 14.21
CA VAL D 23 -28.07 -12.93 14.73
C VAL D 23 -27.63 -12.02 15.85
N VAL D 24 -27.23 -12.63 16.95
CA VAL D 24 -26.62 -11.88 18.03
C VAL D 24 -25.17 -12.33 18.00
N PHE D 25 -24.31 -11.43 17.54
CA PHE D 25 -22.90 -11.76 17.34
C PHE D 25 -22.16 -11.62 18.66
N ARG D 26 -21.54 -12.71 19.10
CA ARG D 26 -20.73 -12.67 20.31
C ARG D 26 -19.29 -12.31 19.95
N ASP D 27 -18.87 -11.11 20.36
CA ASP D 27 -17.54 -10.60 20.02
C ASP D 27 -16.51 -11.03 21.08
N ILE D 28 -15.53 -11.82 20.65
CA ILE D 28 -14.48 -12.32 21.55
C ILE D 28 -13.33 -11.33 21.72
N SER D 29 -13.38 -10.23 20.98
CA SER D 29 -12.29 -9.24 21.00
C SER D 29 -11.83 -8.81 22.40
N PRO D 30 -12.78 -8.50 23.31
CA PRO D 30 -12.35 -8.05 24.65
C PRO D 30 -11.57 -9.09 25.44
N VAL D 31 -11.78 -10.38 25.13
CA VAL D 31 -11.04 -11.45 25.75
C VAL D 31 -9.58 -11.36 25.34
N LEU D 32 -9.33 -11.14 24.05
CA LEU D 32 -7.98 -10.99 23.55
C LEU D 32 -7.31 -9.73 24.09
N LYS D 33 -8.10 -8.68 24.28
CA LYS D 33 -7.56 -7.38 24.63
C LYS D 33 -7.20 -7.25 26.11
N ASP D 34 -7.82 -8.08 26.95
CA ASP D 34 -7.50 -8.13 28.37
C ASP D 34 -6.59 -9.32 28.66
N PRO D 35 -5.30 -9.06 28.94
CA PRO D 35 -4.34 -10.17 29.07
C PRO D 35 -4.75 -11.18 30.14
N ALA D 36 -5.43 -10.72 31.18
CA ALA D 36 -5.88 -11.59 32.27
C ALA D 36 -6.98 -12.53 31.79
N SER D 37 -7.88 -12.01 30.97
CA SER D 37 -8.99 -12.78 30.41
C SER D 37 -8.46 -13.87 29.47
N PHE D 38 -7.52 -13.48 28.61
CA PHE D 38 -6.96 -14.41 27.65
C PHE D 38 -6.21 -15.56 28.32
N ARG D 39 -5.38 -15.23 29.32
CA ARG D 39 -4.65 -16.26 30.04
C ARG D 39 -5.59 -17.22 30.76
N ALA D 40 -6.66 -16.67 31.33
CA ALA D 40 -7.68 -17.50 31.99
C ALA D 40 -8.36 -18.46 31.01
N ALA D 41 -8.68 -17.97 29.81
CA ALA D 41 -9.35 -18.81 28.81
C ALA D 41 -8.43 -19.94 28.35
N ILE D 42 -7.19 -19.61 28.03
CA ILE D 42 -6.21 -20.60 27.58
C ILE D 42 -5.92 -21.61 28.69
N GLY D 43 -5.77 -21.11 29.91
CA GLY D 43 -5.51 -21.95 31.08
C GLY D 43 -6.63 -22.94 31.34
N LEU D 44 -7.87 -22.46 31.28
CA LEU D 44 -9.02 -23.32 31.52
C LEU D 44 -9.14 -24.40 30.45
N LEU D 45 -8.91 -24.03 29.21
CA LEU D 45 -8.95 -24.99 28.11
C LEU D 45 -7.83 -26.01 28.23
N ALA D 46 -6.63 -25.55 28.56
CA ALA D 46 -5.48 -26.43 28.69
C ALA D 46 -5.69 -27.42 29.84
N ARG D 47 -6.18 -26.90 30.96
CA ARG D 47 -6.41 -27.72 32.14
C ARG D 47 -7.44 -28.82 31.83
N HIS D 48 -8.49 -28.44 31.10
CA HIS D 48 -9.52 -29.40 30.69
C HIS D 48 -8.94 -30.52 29.84
N LEU D 49 -8.16 -30.14 28.82
CA LEU D 49 -7.62 -31.12 27.89
C LEU D 49 -6.63 -32.05 28.55
N LYS D 50 -5.81 -31.50 29.45
CA LYS D 50 -4.88 -32.30 30.24
C LYS D 50 -5.62 -33.34 31.08
N ALA D 51 -6.69 -32.89 31.72
CA ALA D 51 -7.46 -33.77 32.61
C ALA D 51 -8.24 -34.84 31.85
N THR D 52 -8.65 -34.52 30.63
CA THR D 52 -9.54 -35.42 29.87
C THR D 52 -8.77 -36.39 28.98
N HIS D 53 -7.67 -35.95 28.41
CA HIS D 53 -6.95 -36.79 27.46
C HIS D 53 -5.53 -37.14 27.89
N GLY D 54 -5.15 -36.69 29.08
CA GLY D 54 -3.83 -36.96 29.60
C GLY D 54 -2.76 -36.53 28.61
N GLY D 55 -1.97 -37.48 28.14
CA GLY D 55 -0.92 -37.19 27.17
C GLY D 55 -1.15 -37.96 25.89
N ARG D 56 -2.39 -38.00 25.45
CA ARG D 56 -2.77 -38.76 24.27
C ARG D 56 -2.96 -37.84 23.06
N ILE D 57 -2.76 -36.54 23.27
CA ILE D 57 -2.90 -35.56 22.20
C ILE D 57 -1.59 -35.36 21.44
N ASP D 58 -1.66 -35.51 20.13
CA ASP D 58 -0.49 -35.28 19.28
C ASP D 58 -0.41 -33.82 18.80
N TYR D 59 -1.54 -33.28 18.35
CA TYR D 59 -1.56 -31.91 17.82
C TYR D 59 -2.86 -31.20 18.14
N ILE D 60 -2.77 -29.87 18.19
CA ILE D 60 -3.94 -29.03 18.16
C ILE D 60 -4.16 -28.61 16.71
N ALA D 61 -5.42 -28.52 16.31
CA ALA D 61 -5.74 -28.01 15.00
C ALA D 61 -6.58 -26.75 15.18
N GLY D 62 -6.09 -25.64 14.60
CA GLY D 62 -6.78 -24.35 14.71
C GLY D 62 -7.51 -24.00 13.44
N LEU D 63 -8.73 -23.50 13.57
CA LEU D 63 -9.58 -23.17 12.43
C LEU D 63 -9.48 -21.69 12.04
N ASP D 64 -9.03 -21.47 10.80
CA ASP D 64 -9.00 -20.16 10.16
C ASP D 64 -10.41 -19.52 10.27
N SER D 65 -10.55 -18.28 10.74
CA SER D 65 -9.45 -17.43 11.17
CA SER D 65 -9.44 -17.44 11.17
C SER D 65 -9.43 -17.22 12.67
N ARG D 66 -10.60 -17.07 13.29
CA ARG D 66 -10.65 -16.76 14.73
C ARG D 66 -10.12 -17.89 15.60
N GLY D 67 -10.16 -19.11 15.10
CA GLY D 67 -9.54 -20.25 15.78
C GLY D 67 -8.03 -20.10 15.90
N PHE D 68 -7.44 -19.36 14.96
CA PHE D 68 -6.01 -19.08 14.96
C PHE D 68 -5.61 -18.26 16.19
N LEU D 69 -6.57 -17.58 16.78
CA LEU D 69 -6.29 -16.73 17.94
C LEU D 69 -6.05 -17.53 19.21
N PHE D 70 -6.57 -18.75 19.25
CA PHE D 70 -6.49 -19.57 20.45
C PHE D 70 -5.65 -20.82 20.25
N GLY D 71 -5.68 -21.37 19.04
CA GLY D 71 -5.00 -22.62 18.74
C GLY D 71 -3.56 -22.67 19.19
N PRO D 72 -2.71 -21.79 18.64
CA PRO D 72 -1.27 -21.80 18.92
C PRO D 72 -0.95 -21.58 20.40
N SER D 73 -1.72 -20.73 21.06
CA SER D 73 -1.48 -20.49 22.49
C SER D 73 -1.83 -21.71 23.31
N LEU D 74 -2.89 -22.40 22.91
CA LEU D 74 -3.33 -23.60 23.62
C LEU D 74 -2.33 -24.73 23.37
N ALA D 75 -1.92 -24.89 22.12
CA ALA D 75 -0.90 -25.85 21.76
C ALA D 75 0.36 -25.62 22.60
N GLN D 76 0.80 -24.37 22.66
CA GLN D 76 2.01 -24.03 23.41
C GLN D 76 1.87 -24.34 24.89
N GLU D 77 0.73 -24.00 25.46
CA GLU D 77 0.46 -24.29 26.86
C GLU D 77 0.57 -25.79 27.15
N LEU D 78 0.30 -26.62 26.14
CA LEU D 78 0.33 -28.08 26.29
C LEU D 78 1.59 -28.74 25.74
N GLY D 79 2.53 -27.93 25.25
CA GLY D 79 3.79 -28.44 24.70
C GLY D 79 3.59 -29.16 23.37
N LEU D 80 2.56 -28.74 22.64
CA LEU D 80 2.13 -29.39 21.41
C LEU D 80 2.25 -28.46 20.21
N GLY D 81 2.41 -29.07 19.05
CA GLY D 81 2.36 -28.31 17.80
C GLY D 81 0.92 -28.02 17.43
N CYS D 82 0.76 -27.02 16.57
CA CYS D 82 -0.53 -26.63 16.05
C CYS D 82 -0.50 -26.80 14.53
N VAL D 83 -1.43 -27.59 14.00
CA VAL D 83 -1.66 -27.64 12.55
C VAL D 83 -2.78 -26.69 12.14
N LEU D 84 -2.77 -26.28 10.87
CA LEU D 84 -3.69 -25.25 10.39
C LEU D 84 -4.74 -25.84 9.46
N ILE D 85 -6.00 -25.55 9.76
CA ILE D 85 -7.08 -25.84 8.83
C ILE D 85 -7.58 -24.51 8.29
N ARG D 86 -7.39 -24.29 6.99
CA ARG D 86 -7.58 -22.98 6.40
C ARG D 86 -8.77 -22.87 5.45
N LYS D 87 -9.25 -21.64 5.23
N LYS D 87 -9.21 -21.64 5.20
CA LYS D 87 -10.24 -21.40 4.20
CA LYS D 87 -10.21 -21.39 4.19
C LYS D 87 -9.61 -21.80 2.88
C LYS D 87 -9.62 -21.75 2.84
N ARG D 88 -10.42 -22.37 1.99
CA ARG D 88 -9.92 -22.91 0.73
C ARG D 88 -9.16 -21.88 -0.08
N GLY D 89 -8.06 -22.32 -0.69
CA GLY D 89 -7.27 -21.49 -1.59
C GLY D 89 -6.09 -20.80 -0.92
N LYS D 90 -5.93 -21.04 0.39
CA LYS D 90 -4.94 -20.30 1.18
C LYS D 90 -3.64 -21.05 1.42
N LEU D 91 -3.73 -22.37 1.47
CA LEU D 91 -2.57 -23.21 1.76
C LEU D 91 -1.90 -23.70 0.50
N PRO D 92 -0.55 -23.68 0.48
CA PRO D 92 0.22 -24.16 -0.65
C PRO D 92 0.40 -25.68 -0.66
N GLY D 93 0.73 -26.23 -1.83
CA GLY D 93 1.01 -27.64 -1.95
C GLY D 93 -0.26 -28.46 -2.07
N PRO D 94 -0.12 -29.80 -2.09
CA PRO D 94 -1.26 -30.70 -2.17
C PRO D 94 -2.19 -30.55 -0.96
N THR D 95 -3.48 -30.46 -1.23
CA THR D 95 -4.46 -30.29 -0.15
C THR D 95 -5.72 -31.11 -0.38
N LEU D 96 -6.51 -31.22 0.67
CA LEU D 96 -7.87 -31.75 0.61
C LEU D 96 -8.79 -30.65 1.09
N TRP D 97 -10.00 -30.61 0.56
CA TRP D 97 -10.95 -29.58 0.97
C TRP D 97 -12.34 -30.14 1.16
N ALA D 98 -13.18 -29.39 1.88
CA ALA D 98 -14.56 -29.78 2.11
C ALA D 98 -15.45 -28.55 2.30
N SER D 99 -16.64 -28.58 1.70
CA SER D 99 -17.57 -27.46 1.78
C SER D 99 -18.57 -27.62 2.93
N TYR D 100 -19.12 -26.51 3.38
CA TYR D 100 -20.06 -26.54 4.51
C TYR D 100 -20.88 -25.27 4.65
N SER D 101 -21.86 -25.34 5.56
CA SER D 101 -22.68 -24.21 5.92
C SER D 101 -22.42 -23.82 7.37
N LEU D 102 -22.29 -22.53 7.63
CA LEU D 102 -22.18 -22.04 9.00
C LEU D 102 -23.39 -21.14 9.29
N GLU D 103 -23.41 -20.48 10.44
CA GLU D 103 -24.64 -19.80 10.88
C GLU D 103 -25.14 -18.76 9.87
N TYR D 104 -24.25 -17.90 9.39
CA TYR D 104 -24.67 -16.81 8.52
C TYR D 104 -24.07 -16.89 7.12
N GLY D 105 -23.79 -18.11 6.65
CA GLY D 105 -23.29 -18.29 5.29
C GLY D 105 -22.74 -19.67 4.98
N LYS D 106 -22.02 -19.74 3.86
CA LYS D 106 -21.39 -20.97 3.38
C LYS D 106 -19.91 -20.73 3.17
N ALA D 107 -19.11 -21.78 3.29
CA ALA D 107 -17.67 -21.67 3.04
C ALA D 107 -17.06 -23.03 2.73
N GLU D 108 -15.73 -23.05 2.64
CA GLU D 108 -14.99 -24.28 2.39
C GLU D 108 -13.68 -24.24 3.16
N LEU D 109 -13.31 -25.37 3.76
CA LEU D 109 -12.06 -25.48 4.48
C LEU D 109 -11.10 -26.41 3.75
N GLU D 110 -9.82 -26.28 4.06
CA GLU D 110 -8.77 -27.05 3.39
CA GLU D 110 -8.79 -27.08 3.40
C GLU D 110 -7.68 -27.43 4.39
N ILE D 111 -6.99 -28.51 4.10
CA ILE D 111 -5.86 -28.91 4.92
C ILE D 111 -4.79 -29.49 4.00
N GLN D 112 -3.53 -29.27 4.36
CA GLN D 112 -2.41 -29.82 3.59
C GLN D 112 -2.38 -31.33 3.81
N LYS D 113 -2.10 -32.07 2.74
CA LYS D 113 -2.13 -33.53 2.79
C LYS D 113 -1.10 -34.12 3.76
N ASP D 114 -0.02 -33.40 4.03
CA ASP D 114 1.01 -33.89 4.94
C ASP D 114 0.89 -33.32 6.35
N ALA D 115 -0.25 -32.71 6.65
CA ALA D 115 -0.46 -32.10 7.95
C ALA D 115 -0.36 -33.13 9.06
N LEU D 116 -0.88 -34.33 8.79
CA LEU D 116 -0.93 -35.39 9.78
C LEU D 116 -0.79 -36.75 9.11
N GLU D 117 -0.33 -37.72 9.89
CA GLU D 117 -0.22 -39.08 9.42
C GLU D 117 -1.35 -39.88 10.04
N PRO D 118 -1.76 -40.98 9.37
CA PRO D 118 -2.84 -41.81 9.88
C PRO D 118 -2.64 -42.15 11.35
N GLY D 119 -3.70 -42.04 12.14
CA GLY D 119 -3.66 -42.45 13.55
C GLY D 119 -3.33 -41.32 14.51
N GLN D 120 -2.65 -40.30 14.04
CA GLN D 120 -2.27 -39.20 14.93
C GLN D 120 -3.52 -38.57 15.56
N ARG D 121 -3.40 -38.21 16.82
CA ARG D 121 -4.51 -37.72 17.63
C ARG D 121 -4.56 -36.19 17.71
N VAL D 122 -5.74 -35.62 17.45
CA VAL D 122 -5.90 -34.18 17.33
C VAL D 122 -7.08 -33.67 18.16
N VAL D 123 -6.90 -32.49 18.73
CA VAL D 123 -7.98 -31.72 19.31
C VAL D 123 -8.19 -30.47 18.44
N VAL D 124 -9.43 -30.23 18.02
CA VAL D 124 -9.73 -29.12 17.14
C VAL D 124 -10.20 -27.96 17.98
N VAL D 125 -9.69 -26.76 17.70
CA VAL D 125 -10.10 -25.59 18.46
CA VAL D 125 -10.01 -25.56 18.45
C VAL D 125 -10.61 -24.46 17.57
N ASP D 126 -11.70 -23.85 18.02
CA ASP D 126 -12.27 -22.70 17.36
C ASP D 126 -12.74 -21.73 18.43
N ASP D 127 -13.04 -20.49 18.06
CA ASP D 127 -13.47 -19.50 19.03
C ASP D 127 -14.91 -19.72 19.50
N LEU D 128 -15.77 -20.10 18.57
CA LEU D 128 -17.19 -20.17 18.85
C LEU D 128 -17.87 -21.27 18.05
N LEU D 129 -18.76 -22.01 18.71
CA LEU D 129 -19.54 -23.05 18.06
C LEU D 129 -21.00 -22.61 17.92
N ALA D 130 -21.49 -22.59 16.69
CA ALA D 130 -22.88 -22.24 16.45
C ALA D 130 -23.60 -23.46 15.90
N THR D 131 -23.78 -23.53 14.58
CA THR D 131 -24.51 -24.65 13.98
C THR D 131 -23.64 -25.89 14.00
N GLY D 132 -22.34 -25.69 14.17
CA GLY D 132 -21.38 -26.78 14.17
C GLY D 132 -20.87 -27.16 12.79
N GLY D 133 -21.31 -26.42 11.78
CA GLY D 133 -20.96 -26.72 10.40
C GLY D 133 -19.47 -26.63 10.12
N THR D 134 -18.84 -25.57 10.63
CA THR D 134 -17.41 -25.37 10.47
C THR D 134 -16.59 -26.46 11.15
N MET D 135 -16.92 -26.74 12.40
CA MET D 135 -16.21 -27.76 13.16
C MET D 135 -16.40 -29.13 12.52
N ASN D 136 -17.61 -29.42 12.04
CA ASN D 136 -17.84 -30.71 11.39
C ASN D 136 -17.01 -30.87 10.11
N ALA D 137 -16.91 -29.79 9.34
CA ALA D 137 -16.12 -29.84 8.10
C ALA D 137 -14.66 -30.10 8.44
N ALA D 138 -14.19 -29.50 9.52
CA ALA D 138 -12.81 -29.70 9.95
C ALA D 138 -12.61 -31.16 10.36
N CYS D 139 -13.58 -31.72 11.07
CA CYS D 139 -13.51 -33.12 11.45
C CYS D 139 -13.51 -34.03 10.22
N GLU D 140 -14.30 -33.68 9.22
CA GLU D 140 -14.35 -34.48 7.99
C GLU D 140 -12.99 -34.48 7.31
N LEU D 141 -12.34 -33.32 7.27
CA LEU D 141 -11.01 -33.20 6.65
C LEU D 141 -9.95 -34.01 7.40
N LEU D 142 -9.97 -33.91 8.72
CA LEU D 142 -9.07 -34.70 9.55
C LEU D 142 -9.35 -36.19 9.34
N GLY D 143 -10.62 -36.51 9.09
CA GLY D 143 -11.03 -37.89 8.83
C GLY D 143 -10.40 -38.47 7.59
N ARG D 144 -10.35 -37.67 6.53
CA ARG D 144 -9.76 -38.11 5.27
C ARG D 144 -8.27 -38.38 5.38
N LEU D 145 -7.63 -37.73 6.34
CA LEU D 145 -6.21 -38.00 6.65
C LEU D 145 -6.07 -39.18 7.60
N GLN D 146 -7.20 -39.72 8.05
CA GLN D 146 -7.23 -40.83 9.00
C GLN D 146 -6.67 -40.45 10.37
N ALA D 147 -6.76 -39.17 10.70
CA ALA D 147 -6.40 -38.71 12.04
C ALA D 147 -7.55 -39.06 12.99
N GLU D 148 -7.24 -39.22 14.25
CA GLU D 148 -8.27 -39.45 15.26
C GLU D 148 -8.57 -38.13 15.95
N VAL D 149 -9.83 -37.70 15.83
CA VAL D 149 -10.28 -36.48 16.50
C VAL D 149 -10.75 -36.84 17.89
N LEU D 150 -10.00 -36.39 18.89
CA LEU D 150 -10.27 -36.73 20.28
C LEU D 150 -11.40 -35.91 20.85
N GLU D 151 -11.43 -34.63 20.46
CA GLU D 151 -12.36 -33.69 21.03
C GLU D 151 -12.34 -32.38 20.22
N CYS D 152 -13.45 -31.65 20.29
CA CYS D 152 -13.49 -30.29 19.76
C CYS D 152 -13.77 -29.34 20.90
N VAL D 153 -13.13 -28.17 20.88
CA VAL D 153 -13.33 -27.20 21.95
C VAL D 153 -13.49 -25.78 21.41
N SER D 154 -14.17 -24.95 22.18
CA SER D 154 -14.31 -23.53 21.82
C SER D 154 -14.47 -22.69 23.09
N LEU D 155 -14.28 -21.38 22.96
CA LEU D 155 -14.57 -20.46 24.05
C LEU D 155 -16.06 -20.33 24.30
N VAL D 156 -16.82 -20.22 23.21
CA VAL D 156 -18.25 -19.93 23.28
C VAL D 156 -19.05 -20.97 22.50
N GLU D 157 -20.19 -21.35 23.08
CA GLU D 157 -21.14 -22.26 22.43
C GLU D 157 -22.52 -21.63 22.45
N LEU D 158 -23.20 -21.63 21.31
CA LEU D 158 -24.58 -21.16 21.25
C LEU D 158 -25.53 -22.36 21.25
N THR D 159 -26.06 -22.69 22.43
CA THR D 159 -26.73 -23.97 22.64
C THR D 159 -27.98 -24.17 21.79
N SER D 160 -28.69 -23.09 21.50
CA SER D 160 -29.94 -23.17 20.74
C SER D 160 -29.72 -23.68 19.31
N LEU D 161 -28.50 -23.54 18.81
CA LEU D 161 -28.19 -23.94 17.44
C LEU D 161 -27.76 -25.40 17.35
N LYS D 162 -27.61 -26.03 18.50
CA LYS D 162 -27.40 -27.49 18.61
C LYS D 162 -26.18 -28.01 17.84
N GLY D 163 -25.12 -27.20 17.78
CA GLY D 163 -23.87 -27.60 17.14
C GLY D 163 -23.28 -28.86 17.76
N ARG D 164 -23.42 -28.98 19.08
CA ARG D 164 -22.97 -30.16 19.82
C ARG D 164 -23.51 -31.45 19.20
N GLU D 165 -24.78 -31.45 18.79
CA GLU D 165 -25.41 -32.63 18.22
C GLU D 165 -24.79 -33.04 16.88
N LYS D 166 -24.39 -32.06 16.08
CA LYS D 166 -23.80 -32.35 14.77
C LYS D 166 -22.40 -32.94 14.91
N LEU D 167 -21.77 -32.72 16.06
CA LEU D 167 -20.43 -33.25 16.30
C LEU D 167 -20.46 -34.63 16.95
N ALA D 168 -21.57 -34.96 17.61
CA ALA D 168 -21.69 -36.25 18.32
C ALA D 168 -21.42 -37.43 17.38
N PRO D 169 -20.72 -38.46 17.86
CA PRO D 169 -20.34 -38.60 19.27
C PRO D 169 -18.99 -38.02 19.67
N VAL D 170 -18.41 -37.14 18.85
CA VAL D 170 -17.14 -36.54 19.22
C VAL D 170 -17.36 -35.61 20.41
N PRO D 171 -16.56 -35.77 21.47
CA PRO D 171 -16.74 -34.93 22.63
C PRO D 171 -16.56 -33.45 22.29
N PHE D 172 -17.38 -32.60 22.89
CA PHE D 172 -17.23 -31.16 22.74
C PHE D 172 -17.20 -30.47 24.09
N PHE D 173 -16.37 -29.44 24.21
CA PHE D 173 -16.26 -28.65 25.43
C PHE D 173 -16.16 -27.17 25.12
N SER D 174 -17.01 -26.38 25.77
CA SER D 174 -16.95 -24.92 25.70
C SER D 174 -16.83 -24.32 27.10
N LEU D 175 -16.17 -23.16 27.19
CA LEU D 175 -16.06 -22.45 28.45
C LEU D 175 -17.35 -21.72 28.79
N LEU D 176 -18.01 -21.17 27.77
CA LEU D 176 -19.22 -20.38 27.96
C LEU D 176 -20.35 -20.84 27.05
N GLN D 177 -21.57 -20.80 27.59
CA GLN D 177 -22.76 -21.14 26.81
C GLN D 177 -23.77 -20.00 26.81
N TYR D 178 -24.33 -19.72 25.64
CA TYR D 178 -25.45 -18.79 25.51
C TYR D 178 -26.55 -19.46 24.70
N GLU D 179 -27.79 -19.06 24.93
CA GLU D 179 -28.93 -19.62 24.19
C GLU D 179 -28.82 -19.23 22.71
#